data_8I4J
#
_entry.id   8I4J
#
_cell.length_a   64.790
_cell.length_b   71.350
_cell.length_c   196.050
_cell.angle_alpha   90.00
_cell.angle_beta   90.00
_cell.angle_gamma   90.00
#
_symmetry.space_group_name_H-M   'P 21 21 21'
#
loop_
_entity.id
_entity.type
_entity.pdbx_description
1 polymer Azami-Green
2 water water
#
_entity_poly.entity_id   1
_entity_poly.type   'polypeptide(L)'
_entity_poly.pdbx_seq_one_letter_code
;GSHMVSVIKPEMKIKLCMRGTVNGHNFVIEGEGKGNPYEGTQILDLNVTEGAPLPFAYDILTTVF(QYG)NRAFTKYPAD
IQDYFKQTFPEGYHWERSMTYEDQGICTATSNISMRGDCFFYDIRFDGVNFPPNGPVMQKKTLKWEPSTEKMYVRDGVLK
GDVNMALLLEGGGHYRCDFKTTYKAKKDVRLPDYHFVDHRIEILKHDKDYNKVKLYENAVARYSMLPSQAK
;
_entity_poly.pdbx_strand_id   A,B,C,D
#
# COMPACT_ATOMS: atom_id res chain seq x y z
N SER A 6 37.35 16.56 12.40
CA SER A 6 36.21 15.63 12.37
C SER A 6 36.54 14.24 12.93
N VAL A 7 35.52 13.64 13.53
CA VAL A 7 35.72 12.32 14.11
C VAL A 7 35.60 11.23 13.04
N ILE A 8 35.17 11.56 11.82
CA ILE A 8 34.99 10.53 10.80
C ILE A 8 36.26 10.49 9.96
N LYS A 9 37.03 9.42 10.13
CA LYS A 9 38.33 9.32 9.50
C LYS A 9 38.19 8.77 8.08
N PRO A 10 39.22 8.94 7.24
CA PRO A 10 39.10 8.48 5.86
C PRO A 10 38.89 6.99 5.76
N GLU A 11 39.35 6.22 6.75
CA GLU A 11 39.00 4.81 6.87
C GLU A 11 38.39 4.58 8.23
N MET A 12 37.23 3.92 8.25
CA MET A 12 36.56 3.59 9.50
C MET A 12 36.29 2.10 9.51
N LYS A 13 36.49 1.47 10.67
CA LYS A 13 36.13 0.07 10.82
C LYS A 13 34.63 -0.06 11.16
N ILE A 14 34.11 -1.29 11.02
CA ILE A 14 32.70 -1.59 11.30
C ILE A 14 32.62 -2.87 12.12
N LYS A 15 31.74 -2.89 13.13
CA LYS A 15 31.37 -4.12 13.85
C LYS A 15 29.85 -4.08 14.01
N LEU A 16 29.19 -5.21 13.81
CA LEU A 16 27.73 -5.17 13.94
C LEU A 16 27.23 -6.51 14.46
N CYS A 17 26.01 -6.48 15.01
CA CYS A 17 25.27 -7.68 15.39
C CYS A 17 23.86 -7.49 14.92
N MET A 18 23.30 -8.49 14.18
CA MET A 18 21.90 -8.38 13.82
C MET A 18 21.20 -9.57 14.47
N ARG A 19 20.05 -9.31 15.12
CA ARG A 19 19.19 -10.36 15.61
C ARG A 19 17.90 -10.27 14.84
N GLY A 20 17.37 -11.41 14.38
CA GLY A 20 16.23 -11.29 13.51
C GLY A 20 15.33 -12.49 13.58
N THR A 21 14.13 -12.33 12.97
CA THR A 21 13.15 -13.39 12.81
C THR A 21 12.51 -13.20 11.45
N VAL A 22 12.58 -14.19 10.58
CA VAL A 22 11.94 -14.15 9.27
C VAL A 22 11.14 -15.41 9.08
N ASN A 23 9.83 -15.25 8.75
CA ASN A 23 9.04 -16.47 8.53
C ASN A 23 9.06 -17.37 9.77
N GLY A 24 9.15 -16.74 10.95
CA GLY A 24 9.20 -17.51 12.19
C GLY A 24 10.55 -18.11 12.53
N HIS A 25 11.56 -17.92 11.71
CA HIS A 25 12.88 -18.49 11.91
C HIS A 25 13.77 -17.45 12.57
N ASN A 26 14.28 -17.75 13.77
CA ASN A 26 15.16 -16.83 14.49
C ASN A 26 16.61 -17.01 14.02
N PHE A 27 17.37 -15.93 14.02
CA PHE A 27 18.78 -16.02 13.65
C PHE A 27 19.54 -14.85 14.23
N VAL A 28 20.87 -15.00 14.24
CA VAL A 28 21.78 -13.96 14.68
C VAL A 28 22.94 -13.92 13.68
N ILE A 29 23.34 -12.73 13.27
CA ILE A 29 24.47 -12.56 12.37
C ILE A 29 25.43 -11.53 12.95
N GLU A 30 26.72 -11.85 12.98
CA GLU A 30 27.78 -10.92 13.37
C GLU A 30 28.49 -10.45 12.12
N GLY A 31 28.99 -9.22 12.13
CA GLY A 31 29.73 -8.72 10.98
C GLY A 31 30.88 -7.82 11.40
N GLU A 32 31.90 -7.79 10.53
CA GLU A 32 33.02 -6.87 10.75
C GLU A 32 33.54 -6.46 9.39
N GLY A 33 34.05 -5.24 9.31
CA GLY A 33 34.56 -4.77 8.04
C GLY A 33 35.16 -3.41 8.21
N LYS A 34 35.24 -2.71 7.09
CA LYS A 34 35.82 -1.38 7.05
C LYS A 34 35.41 -0.71 5.77
N GLY A 35 35.50 0.62 5.78
CA GLY A 35 35.16 1.29 4.54
C GLY A 35 35.76 2.68 4.57
N ASN A 36 35.43 3.43 3.54
CA ASN A 36 35.95 4.78 3.32
C ASN A 36 34.80 5.74 3.21
N PRO A 37 34.44 6.41 4.31
CA PRO A 37 33.17 7.16 4.36
C PRO A 37 33.10 8.26 3.32
N TYR A 38 34.23 8.89 2.97
CA TYR A 38 34.17 9.98 2.01
C TYR A 38 34.16 9.49 0.58
N GLU A 39 34.54 8.23 0.34
CA GLU A 39 34.40 7.62 -0.98
C GLU A 39 33.05 6.98 -1.18
N GLY A 40 32.32 6.76 -0.08
CA GLY A 40 31.06 6.05 -0.20
C GLY A 40 31.18 4.57 -0.42
N THR A 41 32.28 3.92 0.01
CA THR A 41 32.47 2.50 -0.24
C THR A 41 32.77 1.78 1.06
N GLN A 42 32.45 0.47 1.13
CA GLN A 42 32.74 -0.33 2.32
C GLN A 42 32.66 -1.80 1.96
N ILE A 43 33.29 -2.63 2.80
CA ILE A 43 33.19 -4.08 2.69
C ILE A 43 32.90 -4.66 4.05
N LEU A 44 32.04 -5.68 4.10
CA LEU A 44 31.71 -6.36 5.35
C LEU A 44 31.84 -7.84 5.12
N ASP A 45 32.27 -8.57 6.16
CA ASP A 45 32.23 -10.02 6.20
C ASP A 45 31.23 -10.38 7.27
N LEU A 46 30.22 -11.13 6.89
CA LEU A 46 29.11 -11.47 7.76
C LEU A 46 29.12 -12.95 8.09
N ASN A 47 28.77 -13.29 9.32
CA ASN A 47 28.83 -14.68 9.78
C ASN A 47 27.56 -15.02 10.53
N VAL A 48 26.83 -16.04 10.07
CA VAL A 48 25.61 -16.46 10.80
C VAL A 48 26.04 -17.26 12.03
N THR A 49 25.69 -16.77 13.22
CA THR A 49 26.09 -17.47 14.44
C THR A 49 24.98 -18.27 15.09
N GLU A 50 23.72 -17.92 14.81
CA GLU A 50 22.59 -18.72 15.27
C GLU A 50 21.58 -18.82 14.14
N GLY A 51 20.88 -19.97 14.05
CA GLY A 51 19.88 -20.11 13.01
C GLY A 51 20.39 -20.58 11.66
N ALA A 52 21.65 -21.03 11.57
CA ALA A 52 22.15 -21.50 10.31
C ALA A 52 21.58 -22.88 10.01
N PRO A 53 21.33 -23.20 8.73
CA PRO A 53 21.37 -22.27 7.60
C PRO A 53 20.07 -21.48 7.45
N LEU A 54 20.18 -20.26 6.97
CA LEU A 54 18.97 -19.45 6.80
C LEU A 54 18.11 -20.05 5.69
N PRO A 55 16.80 -20.10 5.89
CA PRO A 55 15.91 -20.68 4.88
C PRO A 55 15.41 -19.68 3.85
N PHE A 56 15.86 -18.44 3.86
CA PHE A 56 15.32 -17.39 3.02
C PHE A 56 16.47 -16.73 2.29
N ALA A 57 16.13 -15.99 1.23
CA ALA A 57 17.13 -15.29 0.42
C ALA A 57 17.92 -14.28 1.25
N TYR A 58 19.25 -14.43 1.23
CA TYR A 58 20.10 -13.53 2.00
C TYR A 58 19.95 -12.09 1.55
N ASP A 59 19.60 -11.87 0.28
CA ASP A 59 19.51 -10.51 -0.24
C ASP A 59 18.51 -9.66 0.56
N ILE A 60 17.52 -10.25 1.23
CA ILE A 60 16.58 -9.38 1.97
C ILE A 60 17.26 -8.70 3.16
N LEU A 61 18.42 -9.21 3.59
CA LEU A 61 19.16 -8.64 4.70
C LEU A 61 20.18 -7.59 4.33
N THR A 62 20.65 -7.58 3.09
CA THR A 62 21.95 -6.96 2.86
C THR A 62 21.91 -5.44 3.02
N THR A 63 20.81 -4.76 2.59
CA THR A 63 20.76 -3.32 2.79
C THR A 63 20.56 -2.93 4.25
N VAL A 64 20.28 -3.88 5.13
CA VAL A 64 20.25 -3.54 6.54
C VAL A 64 21.67 -3.59 7.14
N PHE A 65 22.55 -4.42 6.58
CA PHE A 65 23.97 -4.34 6.94
C PHE A 65 24.62 -3.07 6.38
C3 QYG A 66 23.51 1.08 7.23
O3 QYG A 66 23.33 1.13 8.43
CA3 QYG A 66 22.89 -0.09 6.47
N3 QYG A 66 22.87 0.09 5.02
C1 QYG A 66 23.60 -0.61 4.09
CA1 QYG A 66 24.71 -1.55 4.43
CB1 QYG A 66 25.59 -1.96 3.23
CG1 QYG A 66 26.80 -2.73 3.77
CD3 QYG A 66 27.71 -3.29 2.69
N1 QYG A 66 24.16 -2.77 5.06
C2 QYG A 66 21.94 0.85 4.35
O2 QYG A 66 21.14 1.62 4.89
CA2 QYG A 66 22.05 0.42 2.94
N2 QYG A 66 23.14 -0.47 2.84
CB2 QYG A 66 21.17 0.87 2.02
CG2 QYG A 66 21.01 0.60 0.59
CD2 QYG A 66 21.91 -0.14 -0.17
CE2 QYG A 66 21.73 -0.36 -1.51
CZ QYG A 66 20.60 0.17 -2.14
OH QYG A 66 20.40 -0.05 -3.46
CE1 QYG A 66 19.69 0.92 -1.41
CD1 QYG A 66 19.90 1.14 -0.06
NE1 QYG A 66 28.95 -3.54 3.04
OE1 QYG A 66 27.28 -3.52 1.56
N ASN A 67 24.38 1.96 6.53
CA ASN A 67 24.97 3.07 7.27
C ASN A 67 25.34 4.12 6.29
N ARG A 68 24.46 5.13 6.19
CA ARG A 68 24.68 6.18 5.22
C ARG A 68 25.86 7.10 5.54
N ALA A 69 26.57 6.89 6.65
CA ALA A 69 27.84 7.61 6.79
C ALA A 69 28.79 7.20 5.67
N PHE A 70 28.62 5.99 5.13
CA PHE A 70 29.39 5.58 3.96
C PHE A 70 28.69 6.03 2.68
N THR A 71 28.74 7.34 2.43
CA THR A 71 28.17 7.95 1.22
C THR A 71 29.07 9.08 0.80
N LYS A 72 29.41 9.13 -0.48
CA LYS A 72 30.18 10.27 -1.02
C LYS A 72 29.22 11.46 -1.14
N TYR A 73 29.39 12.49 -0.28
CA TYR A 73 28.55 13.70 -0.34
C TYR A 73 29.32 14.85 -0.97
N PRO A 74 28.81 15.44 -2.04
CA PRO A 74 29.44 16.65 -2.58
C PRO A 74 29.33 17.77 -1.55
N ALA A 75 30.18 18.78 -1.72
CA ALA A 75 30.20 19.85 -0.73
C ALA A 75 28.92 20.65 -0.72
N ASP A 76 28.15 20.65 -1.81
CA ASP A 76 26.97 21.50 -1.83
C ASP A 76 25.71 20.77 -1.37
N ILE A 77 25.83 19.55 -0.83
CA ILE A 77 24.70 18.90 -0.18
C ILE A 77 25.08 18.68 1.27
N GLN A 78 24.22 19.13 2.19
CA GLN A 78 24.56 18.90 3.59
C GLN A 78 24.57 17.38 3.82
N ASP A 79 25.58 16.92 4.55
CA ASP A 79 25.76 15.52 4.91
C ASP A 79 25.16 15.26 6.29
N TYR A 80 23.90 14.81 6.31
CA TYR A 80 23.21 14.57 7.57
C TYR A 80 23.96 13.58 8.45
N PHE A 81 24.53 12.54 7.83
CA PHE A 81 25.05 11.38 8.52
C PHE A 81 26.41 11.62 9.13
N LYS A 82 27.36 12.20 8.37
CA LYS A 82 28.65 12.46 9.02
C LYS A 82 28.53 13.52 10.12
N GLN A 83 27.65 14.47 9.97
CA GLN A 83 27.50 15.50 10.99
C GLN A 83 27.07 14.95 12.33
N THR A 84 26.38 13.81 12.35
CA THR A 84 25.79 13.40 13.61
C THR A 84 26.76 12.65 14.52
N PHE A 85 28.00 12.44 14.11
CA PHE A 85 28.95 11.77 14.96
C PHE A 85 29.78 12.77 15.74
N PRO A 86 30.34 12.36 16.89
CA PRO A 86 30.38 10.99 17.41
C PRO A 86 29.12 10.45 18.09
N GLU A 87 28.11 11.29 18.34
CA GLU A 87 26.95 10.82 19.08
C GLU A 87 26.22 9.72 18.33
N GLY A 88 26.17 9.83 17.03
CA GLY A 88 25.56 8.79 16.19
C GLY A 88 24.10 9.04 15.87
N TYR A 89 23.47 7.97 15.39
CA TYR A 89 22.08 8.08 14.93
C TYR A 89 21.46 6.70 14.93
N HIS A 90 20.14 6.64 14.79
CA HIS A 90 19.53 5.35 14.49
C HIS A 90 18.62 5.51 13.30
N TRP A 91 18.30 4.40 12.66
CA TRP A 91 17.38 4.50 11.54
C TRP A 91 16.36 3.38 11.64
N GLU A 92 15.21 3.61 11.01
CA GLU A 92 14.06 2.70 11.00
C GLU A 92 13.63 2.50 9.55
N ARG A 93 13.25 1.28 9.19
CA ARG A 93 12.92 1.04 7.79
C ARG A 93 11.78 0.03 7.68
N SER A 94 10.87 0.28 6.72
CA SER A 94 9.94 -0.75 6.25
C SER A 94 10.26 -1.12 4.81
N MET A 95 10.10 -2.41 4.45
CA MET A 95 10.55 -2.95 3.16
C MET A 95 9.31 -3.72 2.72
N THR A 96 8.50 -3.15 1.79
CA THR A 96 7.24 -3.76 1.41
C THR A 96 7.40 -4.40 0.03
N TYR A 97 7.35 -5.74 0.00
CA TYR A 97 7.53 -6.49 -1.24
C TYR A 97 6.20 -6.62 -1.98
N GLU A 98 6.30 -6.82 -3.30
CA GLU A 98 5.09 -6.77 -4.12
C GLU A 98 4.16 -7.95 -3.90
N ASP A 99 4.63 -9.01 -3.24
CA ASP A 99 3.76 -10.13 -2.90
C ASP A 99 3.35 -10.06 -1.42
N GLN A 100 3.48 -8.86 -0.85
CA GLN A 100 3.07 -8.42 0.48
C GLN A 100 3.85 -9.09 1.60
N GLY A 101 4.97 -9.74 1.31
CA GLY A 101 5.94 -9.93 2.38
C GLY A 101 6.43 -8.57 2.84
N ILE A 102 6.60 -8.40 4.15
CA ILE A 102 7.00 -7.12 4.71
C ILE A 102 8.14 -7.35 5.68
N CYS A 103 9.18 -6.51 5.59
CA CYS A 103 10.24 -6.58 6.60
C CYS A 103 10.37 -5.22 7.24
N THR A 104 10.72 -5.26 8.52
CA THR A 104 11.07 -4.02 9.23
C THR A 104 12.47 -4.19 9.80
N ALA A 105 13.17 -3.07 9.95
CA ALA A 105 14.45 -3.11 10.63
C ALA A 105 14.68 -1.81 11.38
N THR A 106 15.41 -1.92 12.49
CA THR A 106 15.87 -0.77 13.26
C THR A 106 17.34 -0.98 13.52
N SER A 107 18.14 0.05 13.29
CA SER A 107 19.59 -0.05 13.52
C SER A 107 20.07 1.14 14.32
N ASN A 108 20.80 0.89 15.41
N ASN A 108 20.80 0.88 15.41
CA ASN A 108 21.37 1.96 16.23
CA ASN A 108 21.39 1.89 16.27
C ASN A 108 22.85 2.00 15.94
C ASN A 108 22.86 1.98 15.95
N ILE A 109 23.33 3.15 15.50
CA ILE A 109 24.70 3.27 15.03
C ILE A 109 25.47 4.19 15.98
N SER A 110 26.55 3.66 16.53
CA SER A 110 27.40 4.39 17.48
C SER A 110 28.83 4.30 16.98
N MET A 111 29.74 4.96 17.71
CA MET A 111 31.13 5.09 17.29
C MET A 111 32.06 5.06 18.49
N ARG A 112 33.22 4.43 18.34
CA ARG A 112 34.28 4.60 19.33
C ARG A 112 35.60 4.62 18.58
N GLY A 113 36.40 5.66 18.75
CA GLY A 113 37.64 5.67 17.98
C GLY A 113 37.35 5.67 16.51
N ASP A 114 38.05 4.83 15.74
CA ASP A 114 37.83 4.73 14.30
C ASP A 114 36.90 3.57 13.94
N CYS A 115 35.97 3.22 14.82
CA CYS A 115 35.08 2.10 14.54
C CYS A 115 33.62 2.47 14.72
N PHE A 116 32.78 2.13 13.74
CA PHE A 116 31.33 2.16 13.91
C PHE A 116 30.84 0.86 14.52
N PHE A 117 29.79 0.96 15.31
CA PHE A 117 29.09 -0.20 15.87
C PHE A 117 27.61 -0.15 15.56
N TYR A 118 27.04 -1.25 15.03
CA TYR A 118 25.61 -1.29 14.70
C TYR A 118 24.94 -2.35 15.58
N ASP A 119 23.81 -1.99 16.16
CA ASP A 119 22.95 -2.92 16.89
C ASP A 119 21.66 -2.99 16.10
N ILE A 120 21.40 -4.14 15.46
CA ILE A 120 20.38 -4.26 14.42
C ILE A 120 19.30 -5.25 14.83
N ARG A 121 18.04 -4.88 14.61
CA ARG A 121 16.92 -5.82 14.67
C ARG A 121 16.29 -5.92 13.28
N PHE A 122 15.97 -7.14 12.85
CA PHE A 122 15.36 -7.37 11.52
C PHE A 122 14.19 -8.33 11.67
N ASP A 123 13.04 -7.98 11.08
CA ASP A 123 11.93 -8.91 11.09
C ASP A 123 11.29 -9.03 9.73
N GLY A 124 10.86 -10.23 9.40
CA GLY A 124 10.20 -10.47 8.12
C GLY A 124 8.97 -11.33 8.26
N VAL A 125 7.84 -10.88 7.71
CA VAL A 125 6.55 -11.55 7.90
C VAL A 125 5.83 -11.73 6.56
N ASN A 126 5.01 -12.79 6.48
CA ASN A 126 4.04 -13.02 5.42
C ASN A 126 4.66 -13.27 4.05
N PHE A 127 5.89 -13.83 3.99
CA PHE A 127 6.40 -14.18 2.68
C PHE A 127 5.75 -15.46 2.18
N PRO A 128 5.27 -15.51 0.95
CA PRO A 128 4.67 -16.73 0.41
C PRO A 128 5.67 -17.89 0.42
N PRO A 129 5.21 -19.10 0.75
CA PRO A 129 6.14 -20.23 0.85
C PRO A 129 6.79 -20.61 -0.45
N ASN A 130 6.14 -20.37 -1.60
CA ASN A 130 6.78 -20.67 -2.87
C ASN A 130 7.24 -19.42 -3.59
N GLY A 131 7.34 -18.30 -2.90
CA GLY A 131 7.81 -17.07 -3.52
C GLY A 131 9.33 -17.02 -3.57
N PRO A 132 9.87 -15.98 -4.19
CA PRO A 132 11.32 -15.97 -4.46
C PRO A 132 12.17 -15.79 -3.23
N VAL A 133 11.63 -15.21 -2.15
CA VAL A 133 12.42 -15.11 -0.93
C VAL A 133 12.56 -16.47 -0.26
N MET A 134 11.45 -17.19 -0.06
CA MET A 134 11.55 -18.43 0.69
C MET A 134 12.09 -19.56 -0.19
N GLN A 135 12.08 -19.39 -1.52
CA GLN A 135 12.68 -20.37 -2.44
C GLN A 135 14.08 -19.99 -2.90
N LYS A 136 14.61 -18.88 -2.40
CA LYS A 136 15.99 -18.44 -2.69
C LYS A 136 16.22 -18.35 -4.20
N LYS A 137 15.36 -17.54 -4.82
CA LYS A 137 15.44 -17.34 -6.26
C LYS A 137 15.99 -15.97 -6.63
N THR A 138 16.61 -15.24 -5.71
CA THR A 138 17.11 -13.91 -6.02
C THR A 138 18.57 -13.95 -6.43
N LEU A 139 18.93 -13.18 -7.44
CA LEU A 139 20.34 -13.12 -7.80
C LEU A 139 21.05 -11.95 -7.16
N LYS A 140 20.41 -10.78 -7.13
CA LYS A 140 21.03 -9.58 -6.60
C LYS A 140 19.99 -8.50 -6.55
N TRP A 141 20.29 -7.42 -5.81
CA TRP A 141 19.56 -6.16 -6.01
C TRP A 141 20.13 -5.45 -7.24
N GLU A 142 19.24 -4.77 -7.96
CA GLU A 142 19.73 -3.82 -8.96
C GLU A 142 20.30 -2.58 -8.27
N PRO A 143 21.20 -1.87 -8.93
CA PRO A 143 21.59 -0.54 -8.45
C PRO A 143 20.34 0.33 -8.38
N SER A 144 20.39 1.33 -7.50
CA SER A 144 19.17 2.08 -7.17
C SER A 144 19.43 3.58 -7.01
N THR A 145 18.34 4.35 -6.93
CA THR A 145 18.40 5.78 -6.61
C THR A 145 17.40 6.07 -5.50
N GLU A 146 17.91 6.42 -4.32
CA GLU A 146 17.11 6.72 -3.16
C GLU A 146 16.81 8.20 -3.11
N LYS A 147 15.57 8.54 -2.77
CA LYS A 147 15.14 9.93 -2.70
C LYS A 147 15.16 10.40 -1.27
N MET A 148 15.90 11.46 -0.97
CA MET A 148 16.17 11.89 0.40
C MET A 148 15.45 13.20 0.65
N TYR A 149 14.63 13.29 1.70
CA TYR A 149 13.86 14.51 1.93
C TYR A 149 13.61 14.67 3.42
N VAL A 150 13.70 15.91 3.90
CA VAL A 150 13.45 16.17 5.31
C VAL A 150 11.97 16.07 5.63
N ARG A 151 11.66 15.47 6.79
CA ARG A 151 10.30 15.60 7.29
C ARG A 151 10.31 15.66 8.80
N ASP A 152 9.57 16.61 9.37
CA ASP A 152 9.49 16.75 10.83
C ASP A 152 10.86 16.76 11.49
N GLY A 153 11.83 17.43 10.87
CA GLY A 153 13.10 17.63 11.53
C GLY A 153 14.09 16.49 11.40
N VAL A 154 13.72 15.38 10.76
CA VAL A 154 14.65 14.26 10.54
C VAL A 154 14.68 14.01 9.04
N LEU A 155 15.46 13.02 8.59
CA LEU A 155 15.68 12.78 7.18
C LEU A 155 14.99 11.49 6.77
N LYS A 156 14.19 11.56 5.71
CA LYS A 156 13.60 10.35 5.16
C LYS A 156 14.29 9.98 3.87
N GLY A 157 14.40 8.65 3.63
CA GLY A 157 14.83 8.20 2.32
C GLY A 157 13.91 7.12 1.82
N ASP A 158 13.41 7.25 0.59
CA ASP A 158 12.54 6.26 -0.01
C ASP A 158 13.20 5.74 -1.28
N VAL A 159 13.17 4.43 -1.48
CA VAL A 159 13.77 3.91 -2.71
C VAL A 159 12.95 2.74 -3.25
N ASN A 160 12.71 2.78 -4.55
CA ASN A 160 12.14 1.64 -5.28
C ASN A 160 13.25 0.66 -5.58
N MET A 161 13.17 -0.53 -4.98
CA MET A 161 14.21 -1.53 -5.13
C MET A 161 13.71 -2.69 -5.99
N ALA A 162 14.65 -3.40 -6.62
CA ALA A 162 14.27 -4.56 -7.41
C ALA A 162 15.31 -5.65 -7.30
N LEU A 163 14.85 -6.86 -7.02
CA LEU A 163 15.71 -8.04 -7.03
C LEU A 163 15.61 -8.69 -8.41
N LEU A 164 16.78 -8.89 -9.05
CA LEU A 164 16.85 -9.70 -10.26
C LEU A 164 16.67 -11.16 -9.88
N LEU A 165 15.84 -11.90 -10.61
CA LEU A 165 15.47 -13.26 -10.21
C LEU A 165 16.12 -14.29 -11.12
N GLU A 166 16.31 -15.49 -10.58
CA GLU A 166 16.61 -16.63 -11.46
C GLU A 166 15.53 -16.70 -12.51
N GLY A 167 15.90 -16.61 -13.79
CA GLY A 167 14.91 -16.49 -14.85
C GLY A 167 14.94 -15.15 -15.58
N GLY A 168 15.31 -14.07 -14.90
CA GLY A 168 15.60 -12.80 -15.55
C GLY A 168 14.62 -11.67 -15.31
N GLY A 169 13.46 -11.96 -14.77
CA GLY A 169 12.53 -10.91 -14.35
C GLY A 169 12.97 -10.29 -13.03
N HIS A 170 12.12 -9.39 -12.52
CA HIS A 170 12.44 -8.69 -11.28
C HIS A 170 11.31 -8.86 -10.27
N TYR A 171 11.68 -8.68 -9.02
CA TYR A 171 10.77 -8.76 -7.88
C TYR A 171 10.96 -7.46 -7.10
N ARG A 172 9.90 -6.67 -6.95
CA ARG A 172 10.00 -5.30 -6.48
C ARG A 172 9.75 -5.19 -4.98
N CYS A 173 10.43 -4.21 -4.37
CA CYS A 173 10.25 -3.93 -2.95
C CYS A 173 10.33 -2.42 -2.80
N ASP A 174 9.45 -1.84 -1.99
CA ASP A 174 9.51 -0.40 -1.71
C ASP A 174 10.06 -0.18 -0.31
N PHE A 175 11.15 0.58 -0.21
CA PHE A 175 11.79 0.92 1.05
C PHE A 175 11.34 2.28 1.52
N LYS A 176 11.02 2.39 2.82
CA LYS A 176 10.80 3.69 3.44
C LYS A 176 11.66 3.73 4.70
N THR A 177 12.62 4.65 4.74
CA THR A 177 13.57 4.74 5.86
C THR A 177 13.44 6.11 6.51
N THR A 178 13.53 6.13 7.83
CA THR A 178 13.69 7.38 8.57
C THR A 178 15.00 7.34 9.30
N TYR A 179 15.83 8.36 9.07
CA TYR A 179 17.16 8.47 9.69
C TYR A 179 17.09 9.56 10.74
N LYS A 180 17.57 9.25 11.96
CA LYS A 180 17.32 10.08 13.13
C LYS A 180 18.61 10.39 13.90
N ALA A 181 19.14 11.59 13.67
CA ALA A 181 20.33 12.08 14.36
C ALA A 181 20.09 12.25 15.86
N LYS A 182 21.15 12.03 16.64
CA LYS A 182 21.01 12.21 18.09
C LYS A 182 21.41 13.60 18.54
N LYS A 183 21.70 14.49 17.62
CA LYS A 183 22.00 15.87 17.93
C LYS A 183 21.59 16.73 16.75
N ASP A 184 21.51 18.04 16.98
CA ASP A 184 21.12 18.96 15.92
C ASP A 184 22.19 19.03 14.83
N VAL A 185 21.78 18.88 13.58
CA VAL A 185 22.68 18.94 12.44
C VAL A 185 22.05 19.82 11.36
N ARG A 186 22.88 20.33 10.46
CA ARG A 186 22.36 21.09 9.31
C ARG A 186 21.62 20.13 8.40
N LEU A 187 20.37 20.45 8.09
CA LEU A 187 19.51 19.58 7.30
C LEU A 187 19.69 19.84 5.80
N PRO A 188 19.68 18.78 4.99
CA PRO A 188 19.88 18.93 3.54
C PRO A 188 18.60 19.30 2.80
N ASP A 189 18.81 19.87 1.62
CA ASP A 189 17.74 20.01 0.63
C ASP A 189 17.45 18.64 0.05
N TYR A 190 16.34 18.55 -0.69
CA TYR A 190 15.97 17.32 -1.36
C TYR A 190 17.09 16.84 -2.27
N HIS A 191 17.41 15.57 -2.21
CA HIS A 191 18.51 15.12 -3.06
C HIS A 191 18.38 13.61 -3.24
N PHE A 192 19.37 13.03 -3.91
CA PHE A 192 19.37 11.63 -4.30
C PHE A 192 20.62 10.94 -3.78
N VAL A 193 20.47 9.67 -3.41
CA VAL A 193 21.63 8.81 -3.18
C VAL A 193 21.55 7.65 -4.14
N ASP A 194 22.52 7.55 -5.06
CA ASP A 194 22.63 6.38 -5.93
C ASP A 194 23.43 5.30 -5.22
N HIS A 195 23.00 4.04 -5.39
CA HIS A 195 23.59 2.90 -4.69
C HIS A 195 23.90 1.79 -5.66
N ARG A 196 24.90 0.99 -5.31
CA ARG A 196 25.03 -0.35 -5.87
C ARG A 196 25.54 -1.25 -4.77
N ILE A 197 24.70 -2.14 -4.29
CA ILE A 197 25.12 -3.12 -3.27
C ILE A 197 25.35 -4.49 -3.93
N GLU A 198 26.43 -5.17 -3.55
CA GLU A 198 26.82 -6.43 -4.20
C GLU A 198 27.35 -7.45 -3.21
N ILE A 199 26.83 -8.68 -3.24
CA ILE A 199 27.54 -9.78 -2.58
C ILE A 199 28.75 -10.18 -3.40
N LEU A 200 29.93 -10.02 -2.83
CA LEU A 200 31.14 -10.36 -3.60
C LEU A 200 31.53 -11.82 -3.51
N LYS A 201 31.19 -12.49 -2.41
CA LYS A 201 31.58 -13.88 -2.19
C LYS A 201 30.66 -14.43 -1.12
N HIS A 202 30.35 -15.71 -1.21
CA HIS A 202 29.53 -16.35 -0.18
C HIS A 202 29.79 -17.86 -0.21
N ASP A 203 29.57 -18.49 0.94
CA ASP A 203 29.60 -19.95 0.92
C ASP A 203 28.21 -20.48 0.56
N LYS A 204 28.09 -21.80 0.44
CA LYS A 204 26.92 -22.39 -0.21
C LYS A 204 25.62 -21.94 0.44
N ASP A 205 25.56 -21.97 1.77
CA ASP A 205 24.35 -21.67 2.55
C ASP A 205 24.30 -20.20 2.97
N TYR A 206 25.25 -19.37 2.53
CA TYR A 206 25.31 -17.95 2.91
C TYR A 206 25.52 -17.81 4.41
N ASN A 207 26.15 -18.82 5.04
CA ASN A 207 26.59 -18.60 6.42
C ASN A 207 27.66 -17.54 6.52
N LYS A 208 28.50 -17.44 5.48
CA LYS A 208 29.62 -16.50 5.40
C LYS A 208 29.46 -15.72 4.11
N VAL A 209 29.32 -14.39 4.22
CA VAL A 209 29.04 -13.52 3.08
C VAL A 209 29.98 -12.34 3.14
N LYS A 210 30.54 -11.99 1.98
CA LYS A 210 31.33 -10.78 1.81
C LYS A 210 30.52 -9.79 0.97
N LEU A 211 30.35 -8.58 1.49
CA LEU A 211 29.32 -7.66 1.01
C LEU A 211 29.89 -6.27 0.79
N TYR A 212 29.59 -5.66 -0.36
CA TYR A 212 30.15 -4.36 -0.75
C TYR A 212 29.03 -3.39 -1.10
N GLU A 213 29.18 -2.10 -0.73
CA GLU A 213 28.23 -1.07 -1.15
C GLU A 213 28.99 0.14 -1.63
N ASN A 214 28.50 0.72 -2.72
CA ASN A 214 28.97 2.00 -3.23
C ASN A 214 27.78 2.94 -3.20
N ALA A 215 27.93 4.12 -2.58
CA ALA A 215 26.81 5.05 -2.48
C ALA A 215 27.32 6.47 -2.69
N VAL A 216 26.60 7.23 -3.52
CA VAL A 216 27.02 8.58 -3.90
C VAL A 216 25.82 9.51 -3.98
N ALA A 217 25.88 10.62 -3.26
CA ALA A 217 24.79 11.59 -3.20
C ALA A 217 24.93 12.59 -4.33
N ARG A 218 23.78 13.06 -4.83
CA ARG A 218 23.80 14.09 -5.87
C ARG A 218 22.48 14.82 -5.87
N TYR A 219 22.49 15.99 -6.52
CA TYR A 219 21.27 16.61 -7.01
C TYR A 219 21.00 16.06 -8.41
N SER A 220 19.83 16.39 -8.97
CA SER A 220 19.62 16.04 -10.36
C SER A 220 20.63 16.76 -11.25
N MET A 221 21.12 16.04 -12.25
CA MET A 221 22.05 16.57 -13.24
C MET A 221 21.34 17.50 -14.20
N LEU A 222 20.04 17.30 -14.37
CA LEU A 222 19.30 17.99 -15.41
C LEU A 222 19.12 19.46 -15.04
N PRO A 223 19.41 20.38 -15.94
CA PRO A 223 19.24 21.80 -15.64
C PRO A 223 17.76 22.13 -15.42
N SER A 224 17.54 23.22 -14.69
CA SER A 224 16.21 23.77 -14.48
C SER A 224 15.94 24.84 -15.53
N GLN A 225 14.78 24.78 -16.17
CA GLN A 225 14.37 25.79 -17.13
C GLN A 225 13.56 26.93 -16.53
N ALA A 226 13.03 26.75 -15.32
CA ALA A 226 12.22 27.78 -14.73
C ALA A 226 13.10 28.75 -13.93
N SER B 6 -9.98 -33.62 24.08
CA SER B 6 -9.18 -32.49 23.60
C SER B 6 -8.19 -31.99 24.65
N VAL B 7 -6.98 -31.67 24.20
CA VAL B 7 -6.03 -31.04 25.11
C VAL B 7 -6.36 -29.60 25.42
N ILE B 8 -7.24 -28.95 24.66
CA ILE B 8 -7.67 -27.58 24.96
C ILE B 8 -8.82 -27.70 25.93
N LYS B 9 -8.59 -27.27 27.15
CA LYS B 9 -9.50 -27.40 28.28
C LYS B 9 -10.51 -26.24 28.28
N PRO B 10 -11.65 -26.39 28.96
CA PRO B 10 -12.61 -25.28 29.02
C PRO B 10 -12.03 -24.01 29.61
N GLU B 11 -11.09 -24.11 30.55
CA GLU B 11 -10.32 -22.96 30.98
C GLU B 11 -8.84 -23.23 30.71
N MET B 12 -8.16 -22.25 30.12
CA MET B 12 -6.73 -22.36 29.87
C MET B 12 -6.06 -21.11 30.44
N LYS B 13 -4.90 -21.31 31.07
CA LYS B 13 -4.03 -20.23 31.52
C LYS B 13 -3.17 -19.74 30.37
N ILE B 14 -2.61 -18.54 30.53
CA ILE B 14 -1.75 -17.90 29.53
C ILE B 14 -0.55 -17.35 30.24
N LYS B 15 0.64 -17.56 29.69
CA LYS B 15 1.84 -16.85 30.10
C LYS B 15 2.53 -16.35 28.84
N LEU B 16 2.99 -15.09 28.85
CA LEU B 16 3.64 -14.57 27.65
C LEU B 16 4.79 -13.64 27.98
N CYS B 17 5.67 -13.47 27.00
CA CYS B 17 6.74 -12.48 27.06
C CYS B 17 6.83 -11.80 25.71
N MET B 18 6.76 -10.47 25.69
CA MET B 18 6.93 -9.71 24.48
C MET B 18 8.21 -8.88 24.60
N ARG B 19 9.05 -8.95 23.58
CA ARG B 19 10.21 -8.09 23.45
C ARG B 19 10.02 -7.25 22.21
N GLY B 20 10.26 -5.95 22.32
CA GLY B 20 9.95 -5.13 21.18
C GLY B 20 10.78 -3.88 21.07
N THR B 21 10.65 -3.24 19.90
CA THR B 21 11.27 -1.94 19.64
C THR B 21 10.30 -1.13 18.81
N VAL B 22 9.94 0.06 19.29
CA VAL B 22 9.04 0.96 18.57
C VAL B 22 9.68 2.33 18.56
N ASN B 23 9.84 2.94 17.37
CA ASN B 23 10.44 4.28 17.29
C ASN B 23 11.84 4.28 17.90
N GLY B 24 12.53 3.15 17.82
CA GLY B 24 13.86 3.04 18.41
C GLY B 24 13.88 2.76 19.90
N HIS B 25 12.73 2.65 20.53
CA HIS B 25 12.64 2.46 21.97
C HIS B 25 12.43 0.99 22.30
N ASN B 26 13.37 0.40 23.04
CA ASN B 26 13.28 -1.01 23.43
C ASN B 26 12.42 -1.21 24.67
N PHE B 27 11.69 -2.34 24.69
CA PHE B 27 10.90 -2.63 25.88
C PHE B 27 10.66 -4.14 26.00
N VAL B 28 10.19 -4.54 27.18
CA VAL B 28 9.82 -5.92 27.46
C VAL B 28 8.55 -5.87 28.28
N ILE B 29 7.59 -6.72 27.94
CA ILE B 29 6.33 -6.84 28.67
C ILE B 29 6.06 -8.30 28.98
N GLU B 30 5.76 -8.60 30.24
CA GLU B 30 5.35 -9.92 30.66
C GLU B 30 3.85 -9.93 30.92
N GLY B 31 3.22 -11.05 30.61
CA GLY B 31 1.79 -11.16 30.82
C GLY B 31 1.39 -12.53 31.31
N GLU B 32 0.28 -12.56 32.03
CA GLU B 32 -0.29 -13.80 32.50
C GLU B 32 -1.79 -13.62 32.61
N GLY B 33 -2.53 -14.70 32.37
CA GLY B 33 -3.98 -14.56 32.44
C GLY B 33 -4.63 -15.89 32.24
N LYS B 34 -5.88 -15.85 31.83
CA LYS B 34 -6.64 -17.07 31.61
C LYS B 34 -7.82 -16.73 30.73
N GLY B 35 -8.40 -17.77 30.14
CA GLY B 35 -9.53 -17.58 29.27
C GLY B 35 -10.30 -18.86 29.08
N ASN B 36 -11.37 -18.76 28.28
CA ASN B 36 -12.28 -19.87 28.03
C ASN B 36 -12.30 -20.07 26.52
N PRO B 37 -11.46 -20.97 26.01
CA PRO B 37 -11.28 -21.04 24.54
C PRO B 37 -12.56 -21.31 23.79
N TYR B 38 -13.47 -22.11 24.34
CA TYR B 38 -14.69 -22.44 23.61
C TYR B 38 -15.76 -21.36 23.72
N GLU B 39 -15.61 -20.41 24.64
CA GLU B 39 -16.47 -19.26 24.71
C GLU B 39 -15.91 -18.06 23.98
N GLY B 40 -14.63 -18.10 23.61
CA GLY B 40 -14.02 -16.98 22.89
C GLY B 40 -13.66 -15.80 23.73
N THR B 41 -13.44 -15.98 25.04
CA THR B 41 -13.12 -14.86 25.92
C THR B 41 -11.84 -15.12 26.68
N GLN B 42 -11.18 -14.04 27.08
CA GLN B 42 -9.95 -14.18 27.84
C GLN B 42 -9.61 -12.85 28.53
N ILE B 43 -8.81 -12.93 29.61
CA ILE B 43 -8.28 -11.75 30.31
C ILE B 43 -6.79 -11.90 30.54
N LEU B 44 -6.03 -10.83 30.27
CA LEU B 44 -4.59 -10.82 30.53
C LEU B 44 -4.26 -9.67 31.46
N ASP B 45 -3.26 -9.90 32.33
CA ASP B 45 -2.59 -8.85 33.11
C ASP B 45 -1.18 -8.71 32.57
N LEU B 46 -0.87 -7.50 32.14
CA LEU B 46 0.37 -7.20 31.45
C LEU B 46 1.19 -6.21 32.27
N ASN B 47 2.50 -6.45 32.33
CA ASN B 47 3.40 -5.64 33.15
C ASN B 47 4.63 -5.27 32.33
N VAL B 48 4.92 -3.99 32.22
CA VAL B 48 6.13 -3.56 31.54
C VAL B 48 7.32 -3.79 32.47
N THR B 49 8.28 -4.60 32.03
CA THR B 49 9.43 -4.89 32.87
C THR B 49 10.71 -4.20 32.41
N GLU B 50 10.78 -3.79 31.16
CA GLU B 50 11.88 -2.98 30.66
C GLU B 50 11.31 -1.93 29.74
N GLY B 51 11.89 -0.72 29.76
CA GLY B 51 11.46 0.32 28.84
C GLY B 51 10.36 1.21 29.36
N ALA B 52 9.98 1.09 30.65
CA ALA B 52 8.97 1.98 31.20
C ALA B 52 9.52 3.40 31.42
N PRO B 53 8.69 4.44 31.21
CA PRO B 53 7.31 4.38 30.71
C PRO B 53 7.31 4.32 29.19
N LEU B 54 6.41 3.52 28.61
CA LEU B 54 6.42 3.45 27.14
C LEU B 54 6.08 4.81 26.54
N PRO B 55 6.79 5.24 25.50
CA PRO B 55 6.52 6.56 24.90
C PRO B 55 5.47 6.57 23.81
N PHE B 56 4.81 5.45 23.56
CA PHE B 56 3.88 5.34 22.43
C PHE B 56 2.57 4.76 22.94
N ALA B 57 1.53 4.89 22.11
CA ALA B 57 0.20 4.42 22.47
C ALA B 57 0.22 2.90 22.73
N TYR B 58 -0.22 2.51 23.93
CA TYR B 58 -0.27 1.09 24.27
C TYR B 58 -1.19 0.31 23.34
N ASP B 59 -2.25 0.94 22.82
CA ASP B 59 -3.16 0.19 21.97
C ASP B 59 -2.44 -0.49 20.79
N ILE B 60 -1.30 0.04 20.31
CA ILE B 60 -0.68 -0.63 19.16
C ILE B 60 -0.24 -2.05 19.50
N LEU B 61 -0.09 -2.36 20.79
CA LEU B 61 0.40 -3.67 21.20
C LEU B 61 -0.72 -4.68 21.45
N THR B 62 -1.95 -4.21 21.72
CA THR B 62 -2.86 -5.11 22.44
C THR B 62 -3.33 -6.31 21.62
N THR B 63 -3.54 -6.14 20.30
CA THR B 63 -3.93 -7.31 19.50
C THR B 63 -2.79 -8.30 19.32
N VAL B 64 -1.56 -7.96 19.71
CA VAL B 64 -0.48 -8.93 19.66
C VAL B 64 -0.46 -9.78 20.94
N PHE B 65 -0.92 -9.21 22.06
CA PHE B 65 -1.16 -10.03 23.25
C PHE B 65 -2.37 -10.93 23.04
C3 QYG B 66 -2.90 -14.07 20.00
O3 QYG B 66 -1.82 -14.70 19.97
CA3 QYG B 66 -2.87 -12.54 20.03
N3 QYG B 66 -4.16 -11.89 19.73
C1 QYG B 66 -4.95 -11.17 20.62
CA1 QYG B 66 -4.70 -11.11 22.09
CB1 QYG B 66 -5.88 -10.51 22.87
CG1 QYG B 66 -5.51 -10.64 24.37
CD3 QYG B 66 -6.58 -10.09 25.30
N1 QYG B 66 -3.45 -10.35 22.32
C2 QYG B 66 -4.66 -11.74 18.47
O2 QYG B 66 -4.17 -12.24 17.47
CA2 QYG B 66 -5.73 -10.74 18.61
N2 QYG B 66 -5.89 -10.43 19.97
CB2 QYG B 66 -6.34 -10.22 17.51
CG2 QYG B 66 -7.39 -9.21 17.36
CD2 QYG B 66 -8.04 -8.62 18.45
CE2 QYG B 66 -9.04 -7.68 18.26
CZ QYG B 66 -9.38 -7.30 16.96
OH QYG B 66 -10.36 -6.39 16.76
CE1 QYG B 66 -8.73 -7.87 15.87
CD1 QYG B 66 -7.75 -8.82 16.07
NE1 QYG B 66 -6.68 -10.63 26.50
OE1 QYG B 66 -7.26 -9.14 24.95
N ASN B 67 -4.15 -14.69 20.21
CA ASN B 67 -4.14 -16.14 20.18
C ASN B 67 -5.55 -16.58 19.81
N ARG B 68 -5.73 -16.90 18.53
CA ARG B 68 -7.04 -17.29 18.03
C ARG B 68 -7.53 -18.62 18.56
N ALA B 69 -6.75 -19.35 19.36
CA ALA B 69 -7.38 -20.46 20.09
C ALA B 69 -8.54 -19.95 20.96
N PHE B 70 -8.45 -18.69 21.41
CA PHE B 70 -9.57 -18.09 22.14
C PHE B 70 -10.57 -17.43 21.18
N THR B 71 -11.35 -18.28 20.49
CA THR B 71 -12.40 -17.86 19.56
C THR B 71 -13.52 -18.89 19.67
N LYS B 72 -14.76 -18.42 19.81
CA LYS B 72 -15.89 -19.35 19.77
C LYS B 72 -16.15 -19.77 18.33
N TYR B 73 -15.90 -21.02 18.00
CA TYR B 73 -16.11 -21.52 16.63
C TYR B 73 -17.39 -22.35 16.58
N PRO B 74 -18.37 -22.00 15.77
CA PRO B 74 -19.51 -22.91 15.60
C PRO B 74 -19.06 -24.22 14.99
N ALA B 75 -19.85 -25.27 15.21
CA ALA B 75 -19.38 -26.58 14.78
C ALA B 75 -19.28 -26.72 13.28
N ASP B 76 -19.96 -25.88 12.50
CA ASP B 76 -19.88 -26.02 11.07
C ASP B 76 -18.74 -25.20 10.45
N ILE B 77 -17.90 -24.58 11.27
CA ILE B 77 -16.69 -23.93 10.75
C ILE B 77 -15.51 -24.65 11.34
N GLN B 78 -14.60 -25.11 10.48
CA GLN B 78 -13.40 -25.77 10.97
C GLN B 78 -12.58 -24.80 11.82
N ASP B 79 -12.18 -25.26 12.98
CA ASP B 79 -11.38 -24.49 13.93
C ASP B 79 -9.92 -24.83 13.71
N TYR B 80 -9.24 -24.03 12.87
CA TYR B 80 -7.83 -24.27 12.57
C TYR B 80 -7.01 -24.26 13.84
N PHE B 81 -7.36 -23.41 14.80
CA PHE B 81 -6.46 -23.14 15.90
C PHE B 81 -6.49 -24.18 16.97
N LYS B 82 -7.68 -24.63 17.39
CA LYS B 82 -7.66 -25.63 18.44
C LYS B 82 -7.11 -26.94 17.93
N GLN B 83 -7.31 -27.24 16.63
CA GLN B 83 -6.79 -28.48 16.04
C GLN B 83 -5.28 -28.56 16.10
N THR B 84 -4.57 -27.41 16.19
CA THR B 84 -3.11 -27.39 16.10
C THR B 84 -2.44 -27.81 17.39
N PHE B 85 -3.17 -27.95 18.50
CA PHE B 85 -2.54 -28.30 19.76
C PHE B 85 -2.59 -29.82 19.94
N PRO B 86 -1.68 -30.36 20.73
CA PRO B 86 -0.70 -29.68 21.60
C PRO B 86 0.56 -29.06 20.94
N GLU B 87 0.86 -29.41 19.69
CA GLU B 87 2.10 -28.92 19.07
C GLU B 87 2.07 -27.40 18.95
N GLY B 88 0.92 -26.85 18.67
CA GLY B 88 0.76 -25.41 18.60
C GLY B 88 0.98 -24.81 17.21
N TYR B 89 1.27 -23.52 17.19
CA TYR B 89 1.32 -22.78 15.94
C TYR B 89 2.08 -21.49 16.18
N HIS B 90 2.47 -20.83 15.10
CA HIS B 90 2.97 -19.46 15.23
C HIS B 90 2.23 -18.60 14.24
N TRP B 91 2.23 -17.30 14.50
CA TRP B 91 1.61 -16.38 13.53
C TRP B 91 2.50 -15.18 13.31
N GLU B 92 2.29 -14.55 12.15
CA GLU B 92 3.08 -13.42 11.68
C GLU B 92 2.11 -12.34 11.25
N ARG B 93 2.42 -11.07 11.53
CA ARG B 93 1.42 -10.03 11.23
C ARG B 93 2.13 -8.77 10.78
N SER B 94 1.55 -8.10 9.80
CA SER B 94 1.94 -6.73 9.51
C SER B 94 0.75 -5.84 9.83
N MET B 95 1.06 -4.64 10.35
CA MET B 95 0.03 -3.69 10.77
C MET B 95 0.43 -2.37 10.10
N THR B 96 -0.28 -1.99 9.03
CA THR B 96 0.10 -0.82 8.23
C THR B 96 -0.86 0.33 8.57
N TYR B 97 -0.33 1.37 9.24
CA TYR B 97 -1.18 2.49 9.63
C TYR B 97 -1.33 3.49 8.48
N GLU B 98 -2.40 4.31 8.54
CA GLU B 98 -2.68 5.19 7.41
C GLU B 98 -1.68 6.33 7.25
N ASP B 99 -0.86 6.64 8.27
CA ASP B 99 0.21 7.64 8.15
C ASP B 99 1.56 6.98 7.92
N GLN B 100 1.53 5.71 7.48
CA GLN B 100 2.63 4.87 7.07
C GLN B 100 3.56 4.43 8.21
N GLY B 101 3.18 4.64 9.47
CA GLY B 101 3.77 3.81 10.52
C GLY B 101 3.47 2.35 10.23
N ILE B 102 4.46 1.49 10.43
CA ILE B 102 4.30 0.06 10.16
C ILE B 102 4.78 -0.72 11.37
N CYS B 103 3.96 -1.68 11.84
CA CYS B 103 4.41 -2.62 12.86
C CYS B 103 4.42 -4.01 12.31
N THR B 104 5.36 -4.81 12.79
CA THR B 104 5.33 -6.24 12.54
C THR B 104 5.35 -7.00 13.87
N ALA B 105 4.84 -8.22 13.86
CA ALA B 105 4.90 -9.05 15.04
C ALA B 105 4.97 -10.51 14.63
N THR B 106 5.68 -11.32 15.44
CA THR B 106 5.72 -12.77 15.28
C THR B 106 5.45 -13.35 16.66
N SER B 107 4.54 -14.32 16.76
CA SER B 107 4.25 -14.93 18.07
C SER B 107 4.28 -16.43 17.92
N ASN B 108 5.08 -17.12 18.76
CA ASN B 108 5.12 -18.58 18.80
C ASN B 108 4.31 -19.05 19.97
N ILE B 109 3.27 -19.86 19.70
CA ILE B 109 2.33 -20.28 20.74
C ILE B 109 2.51 -21.78 21.00
N SER B 110 2.89 -22.10 22.22
CA SER B 110 3.06 -23.48 22.67
C SER B 110 2.13 -23.72 23.85
N MET B 111 2.16 -24.96 24.37
CA MET B 111 1.29 -25.35 25.47
C MET B 111 1.98 -26.38 26.36
N ARG B 112 1.76 -26.25 27.66
CA ARG B 112 2.17 -27.23 28.65
C ARG B 112 0.99 -27.39 29.58
N GLY B 113 0.44 -28.60 29.66
CA GLY B 113 -0.66 -28.83 30.59
C GLY B 113 -1.81 -27.94 30.20
N ASP B 114 -2.36 -27.19 31.16
CA ASP B 114 -3.47 -26.30 30.84
C ASP B 114 -3.04 -24.86 30.64
N CYS B 115 -1.81 -24.65 30.15
CA CYS B 115 -1.30 -23.30 30.01
C CYS B 115 -0.70 -23.10 28.62
N PHE B 116 -1.14 -22.04 27.93
CA PHE B 116 -0.46 -21.57 26.72
C PHE B 116 0.72 -20.70 27.09
N PHE B 117 1.77 -20.74 26.26
CA PHE B 117 2.93 -19.86 26.39
C PHE B 117 3.15 -19.15 25.08
N TYR B 118 3.30 -17.81 25.09
CA TYR B 118 3.59 -17.09 23.86
C TYR B 118 4.97 -16.46 23.96
N ASP B 119 5.76 -16.58 22.91
CA ASP B 119 7.04 -15.89 22.75
C ASP B 119 6.86 -14.89 21.62
N ILE B 120 6.88 -13.60 21.95
CA ILE B 120 6.42 -12.55 21.05
C ILE B 120 7.52 -11.56 20.73
N ARG B 121 7.64 -11.23 19.43
CA ARG B 121 8.48 -10.12 18.99
C ARG B 121 7.60 -9.05 18.36
N PHE B 122 7.84 -7.78 18.70
CA PHE B 122 7.03 -6.67 18.17
C PHE B 122 7.95 -5.55 17.72
N ASP B 123 7.70 -5.00 16.51
CA ASP B 123 8.54 -3.90 16.04
C ASP B 123 7.70 -2.83 15.37
N GLY B 124 8.02 -1.58 15.64
CA GLY B 124 7.29 -0.47 15.04
C GLY B 124 8.22 0.55 14.46
N VAL B 125 8.02 0.93 13.20
CA VAL B 125 8.90 1.88 12.52
C VAL B 125 8.11 2.99 11.85
N ASN B 126 8.79 4.12 11.68
CA ASN B 126 8.33 5.27 10.88
C ASN B 126 7.01 5.90 11.39
N PHE B 127 6.75 5.86 12.70
CA PHE B 127 5.60 6.62 13.21
C PHE B 127 5.92 8.10 13.24
N PRO B 128 5.07 8.96 12.68
CA PRO B 128 5.34 10.40 12.72
C PRO B 128 5.35 10.92 14.14
N PRO B 129 6.25 11.84 14.46
CA PRO B 129 6.41 12.24 15.85
C PRO B 129 5.20 12.95 16.42
N ASN B 130 4.36 13.58 15.60
CA ASN B 130 3.19 14.27 16.10
C ASN B 130 1.92 13.49 15.81
N GLY B 131 2.05 12.25 15.37
CA GLY B 131 0.90 11.43 15.09
C GLY B 131 0.30 10.87 16.36
N PRO B 132 -0.87 10.23 16.22
CA PRO B 132 -1.58 9.78 17.44
C PRO B 132 -0.90 8.66 18.20
N VAL B 133 -0.02 7.87 17.57
CA VAL B 133 0.71 6.85 18.32
C VAL B 133 1.76 7.48 19.22
N MET B 134 2.61 8.35 18.67
CA MET B 134 3.68 8.88 19.49
C MET B 134 3.16 9.96 20.46
N GLN B 135 1.97 10.54 20.19
CA GLN B 135 1.36 11.51 21.08
C GLN B 135 0.34 10.88 21.99
N LYS B 136 0.15 9.55 21.92
CA LYS B 136 -0.74 8.83 22.82
C LYS B 136 -2.13 9.44 22.81
N LYS B 137 -2.70 9.59 21.61
CA LYS B 137 -4.03 10.14 21.49
C LYS B 137 -5.10 9.09 21.18
N THR B 138 -4.80 7.80 21.33
CA THR B 138 -5.82 6.78 21.03
C THR B 138 -6.64 6.45 22.28
N LEU B 139 -7.91 6.13 22.05
CA LEU B 139 -8.79 5.72 23.15
C LEU B 139 -9.03 4.22 23.19
N LYS B 140 -9.19 3.59 22.03
CA LYS B 140 -9.46 2.16 21.95
C LYS B 140 -9.47 1.74 20.50
N TRP B 141 -9.34 0.43 20.25
CA TRP B 141 -9.75 -0.14 18.95
C TRP B 141 -11.27 -0.24 18.91
N GLU B 142 -11.85 0.03 17.74
CA GLU B 142 -13.24 -0.38 17.53
C GLU B 142 -13.32 -1.89 17.47
N PRO B 143 -14.50 -2.45 17.78
CA PRO B 143 -14.74 -3.85 17.43
C PRO B 143 -14.56 -4.04 15.92
N SER B 144 -14.26 -5.27 15.51
CA SER B 144 -13.84 -5.48 14.13
C SER B 144 -14.37 -6.78 13.56
N THR B 145 -14.21 -6.95 12.25
CA THR B 145 -14.50 -8.23 11.59
C THR B 145 -13.33 -8.62 10.73
N GLU B 146 -12.68 -9.72 11.10
CA GLU B 146 -11.50 -10.23 10.39
C GLU B 146 -11.94 -11.26 9.35
N LYS B 147 -11.37 -11.16 8.15
CA LYS B 147 -11.71 -12.07 7.07
C LYS B 147 -10.66 -13.18 7.05
N MET B 148 -11.13 -14.43 7.19
CA MET B 148 -10.23 -15.57 7.26
C MET B 148 -10.30 -16.38 5.96
N TYR B 149 -9.12 -16.62 5.36
CA TYR B 149 -9.09 -17.33 4.08
C TYR B 149 -7.81 -18.13 3.97
N VAL B 150 -7.93 -19.31 3.37
CA VAL B 150 -6.76 -20.16 3.18
C VAL B 150 -5.91 -19.61 2.06
N ARG B 151 -4.58 -19.73 2.22
CA ARG B 151 -3.66 -19.35 1.16
C ARG B 151 -2.42 -20.24 1.26
N ASP B 152 -2.10 -20.93 0.18
CA ASP B 152 -0.88 -21.74 0.09
C ASP B 152 -0.68 -22.63 1.32
N GLY B 153 -1.76 -23.30 1.76
CA GLY B 153 -1.65 -24.31 2.78
C GLY B 153 -1.71 -23.84 4.22
N VAL B 154 -1.81 -22.54 4.46
CA VAL B 154 -1.93 -21.97 5.79
C VAL B 154 -3.15 -21.03 5.81
N LEU B 155 -3.45 -20.45 6.97
CA LEU B 155 -4.64 -19.60 7.10
C LEU B 155 -4.22 -18.14 7.20
N LYS B 156 -4.87 -17.30 6.41
CA LYS B 156 -4.63 -15.85 6.52
C LYS B 156 -5.83 -15.19 7.17
N GLY B 157 -5.57 -14.12 7.92
CA GLY B 157 -6.67 -13.27 8.37
C GLY B 157 -6.32 -11.83 8.12
N ASP B 158 -7.21 -11.08 7.47
CA ASP B 158 -6.98 -9.66 7.21
C ASP B 158 -8.09 -8.88 7.86
N VAL B 159 -7.71 -7.79 8.54
CA VAL B 159 -8.77 -7.00 9.18
C VAL B 159 -8.49 -5.50 9.08
N ASN B 160 -9.51 -4.77 8.70
CA ASN B 160 -9.48 -3.30 8.72
C ASN B 160 -9.73 -2.85 10.15
N MET B 161 -8.75 -2.21 10.78
CA MET B 161 -8.87 -1.85 12.18
C MET B 161 -8.94 -0.34 12.31
N ALA B 162 -9.52 0.13 13.39
CA ALA B 162 -9.63 1.57 13.58
C ALA B 162 -9.49 1.92 15.04
N LEU B 163 -8.61 2.88 15.31
CA LEU B 163 -8.46 3.43 16.66
C LEU B 163 -9.34 4.67 16.80
N LEU B 164 -10.22 4.68 17.79
CA LEU B 164 -10.97 5.89 18.11
C LEU B 164 -10.01 6.88 18.74
N LEU B 165 -10.02 8.15 18.31
CA LEU B 165 -9.07 9.15 18.79
C LEU B 165 -9.68 10.06 19.87
N GLU B 166 -8.79 10.54 20.73
CA GLU B 166 -9.16 11.54 21.74
C GLU B 166 -9.90 12.71 21.11
N GLY B 167 -9.40 13.25 20.02
CA GLY B 167 -10.29 14.39 19.69
C GLY B 167 -11.57 14.11 18.88
N GLY B 168 -11.94 12.85 18.73
CA GLY B 168 -12.94 12.43 17.78
C GLY B 168 -12.30 11.92 16.51
N GLY B 169 -13.06 11.12 15.81
CA GLY B 169 -12.58 10.55 14.55
C GLY B 169 -11.75 9.31 14.82
N HIS B 170 -11.25 8.76 13.73
CA HIS B 170 -10.61 7.45 13.75
C HIS B 170 -9.28 7.50 13.00
N TYR B 171 -8.41 6.59 13.42
CA TYR B 171 -7.07 6.43 12.85
C TYR B 171 -6.98 4.98 12.39
N ARG B 172 -6.81 4.77 11.08
CA ARG B 172 -6.97 3.43 10.50
C ARG B 172 -5.66 2.64 10.39
N CYS B 173 -5.79 1.32 10.56
CA CYS B 173 -4.66 0.40 10.39
C CYS B 173 -5.16 -0.84 9.67
N ASP B 174 -4.39 -1.33 8.70
CA ASP B 174 -4.75 -2.59 8.03
C ASP B 174 -3.85 -3.71 8.53
N PHE B 175 -4.46 -4.76 9.05
CA PHE B 175 -3.75 -5.95 9.54
C PHE B 175 -3.73 -7.05 8.49
N LYS B 176 -2.57 -7.69 8.31
CA LYS B 176 -2.49 -8.90 7.48
C LYS B 176 -1.78 -9.94 8.34
N THR B 177 -2.47 -11.01 8.71
CA THR B 177 -1.84 -12.03 9.57
C THR B 177 -1.77 -13.34 8.83
N THR B 178 -0.69 -14.08 9.03
CA THR B 178 -0.69 -15.49 8.60
C THR B 178 -0.55 -16.38 9.83
N TYR B 179 -1.42 -17.38 9.92
CA TYR B 179 -1.46 -18.33 11.03
C TYR B 179 -0.95 -19.67 10.51
N LYS B 180 0.03 -20.25 11.21
CA LYS B 180 0.74 -21.43 10.68
C LYS B 180 0.81 -22.56 11.71
N ALA B 181 -0.02 -23.57 11.50
CA ALA B 181 0.00 -24.77 12.34
C ALA B 181 1.32 -25.52 12.21
N LYS B 182 1.76 -26.12 13.32
CA LYS B 182 2.99 -26.92 13.29
C LYS B 182 2.79 -28.35 12.80
N LYS B 183 1.56 -28.75 12.56
CA LYS B 183 1.26 -30.05 11.97
C LYS B 183 0.15 -29.87 10.95
N ASP B 184 -0.07 -30.91 10.16
CA ASP B 184 -1.19 -30.91 9.22
C ASP B 184 -2.53 -30.93 9.96
N VAL B 185 -3.41 -29.97 9.64
CA VAL B 185 -4.76 -29.92 10.16
C VAL B 185 -5.70 -29.64 9.00
N ARG B 186 -6.98 -29.88 9.23
CA ARG B 186 -8.00 -29.51 8.24
C ARG B 186 -8.14 -28.01 8.14
N LEU B 187 -8.04 -27.49 6.93
CA LEU B 187 -8.16 -26.07 6.71
C LEU B 187 -9.62 -25.68 6.57
N PRO B 188 -9.99 -24.50 7.05
CA PRO B 188 -11.40 -24.08 7.00
C PRO B 188 -11.81 -23.43 5.68
N ASP B 189 -13.14 -23.34 5.52
CA ASP B 189 -13.71 -22.50 4.47
C ASP B 189 -13.57 -21.03 4.84
N TYR B 190 -13.76 -20.16 3.84
CA TYR B 190 -13.71 -18.72 4.08
C TYR B 190 -14.72 -18.35 5.15
N HIS B 191 -14.31 -17.51 6.10
CA HIS B 191 -15.24 -17.13 7.16
C HIS B 191 -14.75 -15.85 7.84
N PHE B 192 -15.48 -15.44 8.88
CA PHE B 192 -15.25 -14.19 9.56
C PHE B 192 -15.00 -14.46 11.03
N VAL B 193 -14.12 -13.66 11.64
CA VAL B 193 -14.03 -13.65 13.12
C VAL B 193 -14.35 -12.23 13.56
N ASP B 194 -15.44 -12.07 14.29
CA ASP B 194 -15.74 -10.75 14.88
C ASP B 194 -15.04 -10.64 16.22
N HIS B 195 -14.45 -9.47 16.49
CA HIS B 195 -13.67 -9.24 17.71
C HIS B 195 -14.17 -8.02 18.46
N ARG B 196 -13.93 -7.99 19.76
CA ARG B 196 -13.96 -6.74 20.51
C ARG B 196 -12.86 -6.84 21.56
N ILE B 197 -11.79 -6.06 21.39
CA ILE B 197 -10.72 -6.04 22.37
C ILE B 197 -10.81 -4.76 23.19
N GLU B 198 -10.60 -4.90 24.51
CA GLU B 198 -10.80 -3.79 25.42
C GLU B 198 -9.76 -3.77 26.54
N ILE B 199 -9.17 -2.60 26.77
CA ILE B 199 -8.43 -2.41 28.01
C ILE B 199 -9.42 -2.16 29.15
N LEU B 200 -9.44 -3.06 30.12
CA LEU B 200 -10.36 -2.92 31.25
C LEU B 200 -9.81 -2.02 32.34
N LYS B 201 -8.49 -1.95 32.47
CA LYS B 201 -7.88 -1.13 33.51
C LYS B 201 -6.44 -0.85 33.11
N HIS B 202 -5.97 0.35 33.39
CA HIS B 202 -4.55 0.67 33.22
C HIS B 202 -4.18 1.72 34.25
N ASP B 203 -2.91 1.72 34.64
CA ASP B 203 -2.38 2.82 35.44
C ASP B 203 -1.86 3.95 34.52
N LYS B 204 -1.34 5.02 35.12
CA LYS B 204 -1.13 6.27 34.38
C LYS B 204 -0.22 6.08 33.16
N ASP B 205 0.86 5.32 33.30
CA ASP B 205 1.79 5.15 32.18
C ASP B 205 1.62 3.83 31.47
N TYR B 206 0.56 3.10 31.77
CA TYR B 206 0.29 1.78 31.18
C TYR B 206 1.36 0.76 31.53
N ASN B 207 2.04 0.95 32.66
CA ASN B 207 2.94 -0.09 33.16
C ASN B 207 2.18 -1.35 33.54
N LYS B 208 0.95 -1.21 34.03
CA LYS B 208 0.13 -2.35 34.39
C LYS B 208 -1.20 -2.22 33.69
N VAL B 209 -1.57 -3.23 32.90
CA VAL B 209 -2.75 -3.19 32.04
C VAL B 209 -3.51 -4.50 32.18
N LYS B 210 -4.84 -4.41 32.26
CA LYS B 210 -5.73 -5.56 32.26
C LYS B 210 -6.52 -5.51 30.97
N LEU B 211 -6.45 -6.59 30.20
CA LEU B 211 -6.89 -6.60 28.80
C LEU B 211 -7.84 -7.76 28.53
N TYR B 212 -8.93 -7.49 27.80
CA TYR B 212 -9.96 -8.47 27.53
C TYR B 212 -10.25 -8.56 26.05
N GLU B 213 -10.48 -9.79 25.55
CA GLU B 213 -10.91 -9.96 24.17
C GLU B 213 -12.08 -10.93 24.10
N ASN B 214 -13.04 -10.62 23.23
CA ASN B 214 -14.14 -11.52 22.88
C ASN B 214 -14.02 -11.75 21.38
N ALA B 215 -14.02 -13.01 20.95
CA ALA B 215 -13.89 -13.28 19.52
C ALA B 215 -14.79 -14.44 19.16
N VAL B 216 -15.58 -14.29 18.10
CA VAL B 216 -16.58 -15.28 17.70
C VAL B 216 -16.50 -15.45 16.19
N ALA B 217 -16.38 -16.69 15.74
CA ALA B 217 -16.35 -16.96 14.30
C ALA B 217 -17.75 -17.16 13.75
N ARG B 218 -17.95 -16.82 12.48
CA ARG B 218 -19.23 -16.99 11.80
C ARG B 218 -19.04 -17.00 10.27
N TYR B 219 -20.04 -17.56 9.59
CA TYR B 219 -20.20 -17.30 8.17
C TYR B 219 -21.07 -16.06 8.06
N SER B 220 -21.24 -15.56 6.84
CA SER B 220 -22.21 -14.50 6.68
C SER B 220 -23.60 -15.10 6.91
N MET B 221 -24.41 -14.42 7.67
CA MET B 221 -25.77 -14.94 7.76
C MET B 221 -26.70 -14.32 6.74
N LEU B 222 -26.20 -13.47 5.84
CA LEU B 222 -27.04 -13.11 4.68
C LEU B 222 -27.26 -14.30 3.77
N PRO B 223 -28.48 -14.62 3.39
CA PRO B 223 -28.67 -15.82 2.56
C PRO B 223 -28.12 -15.62 1.17
N SER B 224 -27.76 -16.71 0.54
CA SER B 224 -27.32 -16.66 -0.84
C SER B 224 -28.51 -16.85 -1.77
N GLN B 225 -28.56 -16.05 -2.82
CA GLN B 225 -29.63 -16.15 -3.83
C GLN B 225 -29.26 -16.96 -5.05
N ALA B 226 -27.98 -17.18 -5.31
CA ALA B 226 -27.59 -17.96 -6.47
C ALA B 226 -27.38 -19.42 -6.08
N SER C 6 13.82 7.47 -39.83
CA SER C 6 12.83 7.14 -38.81
C SER C 6 11.57 7.98 -38.98
N VAL C 7 10.43 7.38 -38.64
CA VAL C 7 9.19 8.13 -38.60
C VAL C 7 9.18 9.13 -37.47
N ILE C 8 10.05 8.98 -36.47
CA ILE C 8 10.17 9.96 -35.38
C ILE C 8 11.19 10.98 -35.83
N LYS C 9 10.74 12.17 -36.14
CA LYS C 9 11.63 13.20 -36.67
C LYS C 9 12.32 13.95 -35.54
N PRO C 10 13.41 14.67 -35.85
CA PRO C 10 14.11 15.42 -34.79
C PRO C 10 13.22 16.40 -34.04
N GLU C 11 12.23 16.98 -34.69
CA GLU C 11 11.21 17.75 -33.99
C GLU C 11 9.85 17.14 -34.28
N MET C 12 9.08 16.89 -33.24
CA MET C 12 7.70 16.43 -33.39
C MET C 12 6.74 17.37 -32.68
N LYS C 13 5.57 17.55 -33.29
CA LYS C 13 4.47 18.25 -32.66
C LYS C 13 3.68 17.30 -31.76
N ILE C 14 2.90 17.90 -30.86
CA ILE C 14 2.06 17.19 -29.90
C ILE C 14 0.66 17.81 -29.90
N LYS C 15 -0.37 16.96 -29.90
CA LYS C 15 -1.75 17.40 -29.67
C LYS C 15 -2.38 16.39 -28.70
N LEU C 16 -3.11 16.91 -27.73
CA LEU C 16 -3.68 16.00 -26.73
C LEU C 16 -5.04 16.51 -26.27
N CYS C 17 -5.81 15.60 -25.71
CA CYS C 17 -7.07 15.90 -25.04
C CYS C 17 -7.09 15.07 -23.77
N MET C 18 -7.29 15.72 -22.62
CA MET C 18 -7.47 15.01 -21.35
C MET C 18 -8.90 15.21 -20.87
N ARG C 19 -9.60 14.13 -20.55
CA ARG C 19 -10.89 14.19 -19.92
C ARG C 19 -10.76 13.58 -18.53
N GLY C 20 -11.25 14.26 -17.51
CA GLY C 20 -10.99 13.77 -16.17
C GLY C 20 -12.05 14.09 -15.14
N THR C 21 -11.91 13.43 -13.98
CA THR C 21 -12.76 13.67 -12.81
C THR C 21 -11.87 13.56 -11.58
N VAL C 22 -11.81 14.61 -10.76
CA VAL C 22 -11.04 14.59 -9.52
C VAL C 22 -11.96 15.08 -8.41
N ASN C 23 -12.08 14.31 -7.33
CA ASN C 23 -12.93 14.76 -6.23
C ASN C 23 -14.36 15.02 -6.71
N GLY C 24 -14.79 14.26 -7.72
CA GLY C 24 -16.13 14.42 -8.29
C GLY C 24 -16.27 15.57 -9.26
N HIS C 25 -15.20 16.32 -9.50
CA HIS C 25 -15.24 17.51 -10.37
C HIS C 25 -14.76 17.13 -11.78
N ASN C 26 -15.64 17.28 -12.78
CA ASN C 26 -15.29 16.94 -14.16
C ASN C 26 -14.56 18.09 -14.84
N PHE C 27 -13.62 17.74 -15.74
CA PHE C 27 -12.91 18.78 -16.49
C PHE C 27 -12.39 18.23 -17.80
N VAL C 28 -12.01 19.15 -18.68
CA VAL C 28 -11.41 18.81 -19.97
C VAL C 28 -10.27 19.77 -20.19
N ILE C 29 -9.14 19.26 -20.65
CA ILE C 29 -7.97 20.08 -20.97
C ILE C 29 -7.48 19.72 -22.36
N GLU C 30 -7.22 20.74 -23.19
CA GLU C 30 -6.60 20.46 -24.47
C GLU C 30 -5.18 20.97 -24.46
N GLY C 31 -4.33 20.31 -25.22
CA GLY C 31 -2.92 20.69 -25.24
C GLY C 31 -2.36 20.63 -26.65
N GLU C 32 -1.35 21.47 -26.87
CA GLU C 32 -0.61 21.52 -28.12
C GLU C 32 0.82 21.91 -27.82
N GLY C 33 1.78 21.29 -28.49
CA GLY C 33 3.15 21.74 -28.34
C GLY C 33 4.09 21.04 -29.27
N LYS C 34 5.36 20.97 -28.87
CA LYS C 34 6.37 20.35 -29.71
C LYS C 34 7.57 19.99 -28.86
N GLY C 35 8.40 19.09 -29.37
CA GLY C 35 9.63 18.80 -28.67
C GLY C 35 10.62 18.07 -29.56
N ASN C 36 11.70 17.61 -28.94
CA ASN C 36 12.79 16.98 -29.67
C ASN C 36 13.01 15.60 -29.08
N PRO C 37 12.43 14.58 -29.70
CA PRO C 37 12.41 13.25 -29.06
C PRO C 37 13.77 12.69 -28.75
N TYR C 38 14.76 12.94 -29.61
CA TYR C 38 16.09 12.39 -29.38
C TYR C 38 16.86 13.18 -28.34
N GLU C 39 16.43 14.39 -28.01
CA GLU C 39 17.06 15.14 -26.95
C GLU C 39 16.34 15.01 -25.63
N GLY C 40 15.17 14.36 -25.61
CA GLY C 40 14.40 14.19 -24.40
C GLY C 40 13.70 15.41 -23.86
N THR C 41 13.39 16.42 -24.70
CA THR C 41 12.84 17.67 -24.22
C THR C 41 11.56 18.01 -24.99
N GLN C 42 10.69 18.81 -24.37
CA GLN C 42 9.41 19.14 -25.00
C GLN C 42 8.76 20.28 -24.23
N ILE C 43 7.90 21.02 -24.91
CA ILE C 43 7.08 22.08 -24.30
C ILE C 43 5.64 21.85 -24.70
N LEU C 44 4.70 22.02 -23.75
CA LEU C 44 3.27 21.93 -24.07
C LEU C 44 2.58 23.18 -23.58
N ASP C 45 1.59 23.66 -24.35
CA ASP C 45 0.69 24.71 -23.91
C ASP C 45 -0.67 24.07 -23.67
N LEU C 46 -1.21 24.27 -22.48
CA LEU C 46 -2.36 23.51 -22.00
C LEU C 46 -3.48 24.47 -21.66
N ASN C 47 -4.69 24.20 -22.12
CA ASN C 47 -5.83 25.08 -21.83
C ASN C 47 -7.02 24.30 -21.28
N VAL C 48 -7.53 24.75 -20.13
CA VAL C 48 -8.75 24.15 -19.57
C VAL C 48 -9.93 24.59 -20.39
N THR C 49 -10.65 23.63 -20.98
CA THR C 49 -11.82 23.98 -21.79
C THR C 49 -13.16 23.66 -21.13
N GLU C 50 -13.17 22.80 -20.11
CA GLU C 50 -14.37 22.55 -19.31
C GLU C 50 -13.94 22.36 -17.86
N GLY C 51 -14.76 22.81 -16.94
CA GLY C 51 -14.45 22.60 -15.54
C GLY C 51 -13.63 23.67 -14.88
N ALA C 52 -13.40 24.82 -15.54
CA ALA C 52 -12.61 25.87 -14.93
C ALA C 52 -13.45 26.65 -13.92
N PRO C 53 -12.83 27.18 -12.85
CA PRO C 53 -11.43 26.96 -12.50
C PRO C 53 -11.25 25.61 -11.77
N LEU C 54 -10.14 24.92 -12.03
CA LEU C 54 -9.98 23.62 -11.39
C LEU C 54 -9.83 23.82 -9.89
N PRO C 55 -10.47 22.98 -9.08
CA PRO C 55 -10.42 23.14 -7.63
C PRO C 55 -9.28 22.38 -6.95
N PHE C 56 -8.39 21.79 -7.71
CA PHE C 56 -7.30 21.00 -7.15
C PHE C 56 -5.98 21.43 -7.77
N ALA C 57 -4.89 21.00 -7.11
CA ALA C 57 -3.53 21.34 -7.54
C ALA C 57 -3.25 20.82 -8.95
N TYR C 58 -2.91 21.76 -9.85
CA TYR C 58 -2.64 21.38 -11.24
C TYR C 58 -1.49 20.39 -11.35
N ASP C 59 -0.54 20.45 -10.42
CA ASP C 59 0.60 19.54 -10.49
C ASP C 59 0.17 18.08 -10.55
N ILE C 60 -1.00 17.71 -10.02
CA ILE C 60 -1.31 16.26 -10.06
C ILE C 60 -1.49 15.78 -11.48
N LEU C 61 -1.72 16.71 -12.41
CA LEU C 61 -1.97 16.36 -13.80
C LEU C 61 -0.72 16.29 -14.67
N THR C 62 0.37 16.93 -14.29
CA THR C 62 1.34 17.33 -15.31
C THR C 62 2.13 16.14 -15.88
N THR C 63 2.46 15.14 -15.05
CA THR C 63 3.16 13.97 -15.61
C THR C 63 2.27 13.11 -16.49
N VAL C 64 0.96 13.38 -16.50
CA VAL C 64 0.11 12.67 -17.45
C VAL C 64 0.11 13.38 -18.82
N PHE C 65 0.33 14.68 -18.86
CA PHE C 65 0.60 15.38 -20.14
C PHE C 65 1.98 15.01 -20.67
C3 QYG C 66 3.48 11.03 -21.73
O3 QYG C 66 2.60 10.47 -22.39
CA3 QYG C 66 3.10 11.79 -20.46
N3 QYG C 66 4.25 12.05 -19.58
C1 QYG C 66 4.80 13.29 -19.31
CA1 QYG C 66 4.39 14.55 -20.03
CB1 QYG C 66 5.33 15.73 -19.76
CG1 QYG C 66 4.94 16.83 -20.77
CD3 QYG C 66 5.68 18.12 -20.59
N1 QYG C 66 3.01 14.95 -19.69
C2 QYG C 66 4.87 11.12 -18.79
O2 QYG C 66 4.64 9.93 -18.81
CA2 QYG C 66 5.72 11.93 -17.89
N2 QYG C 66 5.65 13.27 -18.31
CB2 QYG C 66 6.34 11.37 -16.83
CG2 QYG C 66 7.14 11.95 -15.77
CD2 QYG C 66 7.54 13.29 -15.73
CE2 QYG C 66 8.32 13.78 -14.70
CZ QYG C 66 8.71 12.92 -13.68
OH QYG C 66 9.49 13.40 -12.67
CE1 QYG C 66 8.32 11.60 -13.70
CD1 QYG C 66 7.56 11.11 -14.74
NE1 QYG C 66 5.75 18.91 -21.66
OE1 QYG C 66 6.16 18.45 -19.51
N ASN C 67 4.79 11.13 -22.26
CA ASN C 67 5.09 10.40 -23.49
C ASN C 67 6.57 10.11 -23.52
N ARG C 68 6.94 8.90 -23.13
CA ARG C 68 8.36 8.58 -23.04
C ARG C 68 9.05 8.49 -24.40
N ALA C 69 8.36 8.70 -25.53
CA ALA C 69 9.10 8.93 -26.77
C ALA C 69 10.01 10.14 -26.64
N PHE C 70 9.64 11.11 -25.80
CA PHE C 70 10.51 12.25 -25.50
C PHE C 70 11.47 11.90 -24.36
N THR C 71 12.43 11.02 -24.67
CA THR C 71 13.47 10.64 -23.72
C THR C 71 14.75 10.46 -24.49
N LYS C 72 15.84 11.01 -23.98
CA LYS C 72 17.13 10.81 -24.64
C LYS C 72 17.66 9.42 -24.28
N TYR C 73 17.69 8.46 -25.29
CA TYR C 73 18.15 7.11 -24.98
C TYR C 73 19.54 6.92 -25.54
N PRO C 74 20.50 6.52 -24.69
CA PRO C 74 21.84 6.18 -25.20
C PRO C 74 21.74 4.98 -26.13
N ALA C 75 22.73 4.84 -26.99
CA ALA C 75 22.67 3.76 -27.96
C ALA C 75 22.70 2.38 -27.31
N ASP C 76 23.20 2.24 -26.08
CA ASP C 76 23.33 0.92 -25.49
C ASP C 76 22.16 0.56 -24.57
N ILE C 77 21.05 1.29 -24.64
CA ILE C 77 19.80 0.90 -23.99
C ILE C 77 18.74 0.88 -25.07
N GLN C 78 18.05 -0.25 -25.22
CA GLN C 78 16.95 -0.31 -26.17
C GLN C 78 15.91 0.75 -25.80
N ASP C 79 15.45 1.48 -26.82
CA ASP C 79 14.43 2.52 -26.71
C ASP C 79 13.09 1.90 -27.04
N TYR C 80 12.37 1.47 -25.99
CA TYR C 80 11.08 0.81 -26.15
C TYR C 80 10.12 1.70 -26.91
N PHE C 81 10.17 2.99 -26.62
CA PHE C 81 9.12 3.91 -27.04
C PHE C 81 9.28 4.32 -28.51
N LYS C 82 10.48 4.68 -28.91
CA LYS C 82 10.62 5.10 -30.30
C LYS C 82 10.43 3.91 -31.24
N GLN C 83 10.78 2.71 -30.79
CA GLN C 83 10.59 1.54 -31.63
C GLN C 83 9.13 1.30 -31.96
N THR C 84 8.20 1.76 -31.14
CA THR C 84 6.84 1.28 -31.34
C THR C 84 6.07 2.17 -32.33
N PHE C 85 6.71 3.17 -32.90
CA PHE C 85 6.04 3.99 -33.88
C PHE C 85 6.34 3.51 -35.30
N PRO C 86 5.44 3.73 -36.26
CA PRO C 86 4.26 4.57 -36.19
C PRO C 86 3.03 4.07 -35.45
N GLU C 87 2.98 2.78 -35.11
CA GLU C 87 1.75 2.22 -34.59
C GLU C 87 1.41 2.83 -33.24
N GLY C 88 2.43 3.15 -32.46
CA GLY C 88 2.23 3.79 -31.19
C GLY C 88 2.10 2.81 -30.05
N TYR C 89 1.59 3.34 -28.93
CA TYR C 89 1.51 2.57 -27.69
C TYR C 89 0.50 3.23 -26.77
N HIS C 90 0.15 2.54 -25.70
CA HIS C 90 -0.61 3.21 -24.66
C HIS C 90 0.04 2.92 -23.34
N TRP C 91 -0.26 3.75 -22.34
CA TRP C 91 0.29 3.45 -21.02
C TRP C 91 -0.82 3.64 -19.98
N GLU C 92 -0.60 2.99 -18.84
CA GLU C 92 -1.52 2.97 -17.71
C GLU C 92 -0.73 3.31 -16.46
N ARG C 93 -1.32 4.13 -15.58
CA ARG C 93 -0.57 4.58 -14.40
C ARG C 93 -1.47 4.65 -13.18
N SER C 94 -0.95 4.21 -12.05
CA SER C 94 -1.54 4.56 -10.77
C SER C 94 -0.60 5.49 -10.03
N MET C 95 -1.19 6.45 -9.34
CA MET C 95 -0.47 7.46 -8.56
C MET C 95 -1.04 7.45 -7.14
N THR C 96 -0.32 6.82 -6.20
CA THR C 96 -0.81 6.62 -4.84
C THR C 96 -0.12 7.65 -3.94
N TYR C 97 -0.90 8.58 -3.42
CA TYR C 97 -0.38 9.65 -2.58
C TYR C 97 -0.33 9.19 -1.13
N GLU C 98 0.54 9.84 -0.34
CA GLU C 98 0.78 9.34 1.01
C GLU C 98 -0.40 9.57 1.97
N ASP C 99 -1.36 10.41 1.63
CA ASP C 99 -2.60 10.55 2.41
C ASP C 99 -3.76 9.77 1.78
N GLN C 100 -3.43 8.84 0.92
CA GLN C 100 -4.25 7.82 0.28
C GLN C 100 -5.18 8.39 -0.76
N GLY C 101 -5.05 9.65 -1.15
CA GLY C 101 -5.57 10.02 -2.46
C GLY C 101 -4.95 9.13 -3.53
N ILE C 102 -5.77 8.71 -4.50
CA ILE C 102 -5.27 7.85 -5.59
C ILE C 102 -5.72 8.44 -6.90
N CYS C 103 -4.80 8.54 -7.87
CA CYS C 103 -5.18 8.88 -9.24
C CYS C 103 -4.81 7.74 -10.17
N THR C 104 -5.63 7.55 -11.21
CA THR C 104 -5.30 6.66 -12.28
C THR C 104 -5.29 7.45 -13.57
N ALA C 105 -4.54 6.95 -14.54
CA ALA C 105 -4.61 7.57 -15.85
C ALA C 105 -4.32 6.53 -16.91
N THR C 106 -4.96 6.68 -18.07
CA THR C 106 -4.68 5.88 -19.25
C THR C 106 -4.47 6.82 -20.41
N SER C 107 -3.41 6.63 -21.18
CA SER C 107 -3.15 7.52 -22.31
C SER C 107 -2.86 6.68 -23.53
N ASN C 108 -3.55 6.98 -24.64
CA ASN C 108 -3.32 6.25 -25.88
C ASN C 108 -2.59 7.20 -26.81
N ILE C 109 -1.41 6.82 -27.27
CA ILE C 109 -0.52 7.70 -28.01
C ILE C 109 -0.40 7.17 -29.44
N SER C 110 -0.78 8.01 -30.40
CA SER C 110 -0.72 7.70 -31.82
C SER C 110 0.09 8.77 -32.52
N MET C 111 0.31 8.60 -33.82
CA MET C 111 1.08 9.59 -34.55
C MET C 111 0.46 9.73 -35.93
N ARG C 112 0.46 10.94 -36.45
CA ARG C 112 0.12 11.18 -37.86
C ARG C 112 1.09 12.21 -38.39
N GLY C 113 1.84 11.85 -39.42
CA GLY C 113 2.82 12.78 -39.94
C GLY C 113 3.85 13.10 -38.89
N ASP C 114 4.06 14.40 -38.63
CA ASP C 114 5.05 14.81 -37.66
C ASP C 114 4.42 15.17 -36.32
N CYS C 115 3.30 14.55 -35.95
CA CYS C 115 2.58 14.99 -34.77
C CYS C 115 2.15 13.78 -33.95
N PHE C 116 2.40 13.82 -32.64
CA PHE C 116 1.84 12.83 -31.74
C PHE C 116 0.48 13.28 -31.27
N PHE C 117 -0.42 12.32 -31.04
CA PHE C 117 -1.75 12.56 -30.51
C PHE C 117 -1.96 11.73 -29.24
N TYR C 118 -2.43 12.35 -28.16
CA TYR C 118 -2.63 11.60 -26.92
C TYR C 118 -4.12 11.72 -26.58
N ASP C 119 -4.79 10.60 -26.34
CA ASP C 119 -6.16 10.60 -25.84
C ASP C 119 -6.06 10.11 -24.40
N ILE C 120 -6.36 10.99 -23.45
CA ILE C 120 -6.05 10.76 -22.02
C ILE C 120 -7.31 10.73 -21.19
N ARG C 121 -7.40 9.75 -20.26
CA ARG C 121 -8.39 9.77 -19.19
C ARG C 121 -7.66 9.89 -17.87
N PHE C 122 -8.16 10.71 -16.95
CA PHE C 122 -7.52 10.98 -15.66
C PHE C 122 -8.59 10.93 -14.58
N ASP C 123 -8.35 10.16 -13.51
CA ASP C 123 -9.30 10.17 -12.39
C ASP C 123 -8.60 10.30 -11.06
N GLY C 124 -9.18 11.11 -10.16
CA GLY C 124 -8.63 11.14 -8.81
C GLY C 124 -9.73 10.96 -7.77
N VAL C 125 -9.45 10.13 -6.74
CA VAL C 125 -10.43 9.82 -5.71
C VAL C 125 -9.83 9.94 -4.33
N ASN C 126 -10.68 10.29 -3.37
CA ASN C 126 -10.37 10.23 -1.94
C ASN C 126 -9.27 11.21 -1.50
N PHE C 127 -9.14 12.35 -2.16
CA PHE C 127 -8.20 13.33 -1.61
C PHE C 127 -8.82 14.01 -0.38
N PRO C 128 -8.09 14.13 0.72
CA PRO C 128 -8.66 14.82 1.90
C PRO C 128 -8.96 16.28 1.60
N PRO C 129 -10.07 16.81 2.11
CA PRO C 129 -10.44 18.19 1.75
C PRO C 129 -9.45 19.25 2.18
N ASN C 130 -8.72 19.00 3.27
CA ASN C 130 -7.73 19.94 3.75
C ASN C 130 -6.32 19.56 3.37
N GLY C 131 -6.14 18.58 2.49
CA GLY C 131 -4.80 18.18 2.07
C GLY C 131 -4.27 19.10 0.99
N PRO C 132 -2.98 18.92 0.67
CA PRO C 132 -2.33 19.90 -0.22
C PRO C 132 -2.85 19.87 -1.63
N VAL C 133 -3.49 18.79 -2.06
CA VAL C 133 -4.06 18.79 -3.42
C VAL C 133 -5.31 19.65 -3.49
N MET C 134 -6.30 19.38 -2.60
CA MET C 134 -7.52 20.19 -2.66
C MET C 134 -7.32 21.61 -2.15
N GLN C 135 -6.28 21.86 -1.35
CA GLN C 135 -5.97 23.23 -0.92
C GLN C 135 -4.94 23.95 -1.81
N LYS C 136 -4.51 23.32 -2.89
CA LYS C 136 -3.60 23.94 -3.88
C LYS C 136 -2.35 24.49 -3.20
N LYS C 137 -1.71 23.62 -2.40
CA LYS C 137 -0.51 24.00 -1.66
C LYS C 137 0.77 23.48 -2.29
N THR C 138 0.74 22.98 -3.53
CA THR C 138 1.96 22.43 -4.11
C THR C 138 2.69 23.48 -4.93
N LEU C 139 4.02 23.37 -4.96
CA LEU C 139 4.81 24.29 -5.78
C LEU C 139 5.33 23.65 -7.05
N LYS C 140 5.76 22.40 -6.97
CA LYS C 140 6.33 21.70 -8.13
C LYS C 140 6.57 20.25 -7.74
N TRP C 141 6.78 19.41 -8.76
CA TRP C 141 7.41 18.12 -8.54
C TRP C 141 8.92 18.30 -8.46
N GLU C 142 9.57 17.53 -7.57
CA GLU C 142 11.00 17.48 -7.64
C GLU C 142 11.43 16.70 -8.86
N PRO C 143 12.66 16.91 -9.34
CA PRO C 143 13.19 15.99 -10.34
C PRO C 143 13.20 14.58 -9.76
N SER C 144 13.24 13.58 -10.63
CA SER C 144 13.05 12.20 -10.18
C SER C 144 13.90 11.24 -10.97
N THR C 145 13.99 10.00 -10.45
CA THR C 145 14.59 8.88 -11.18
C THR C 145 13.59 7.73 -11.21
N GLU C 146 13.11 7.40 -12.41
CA GLU C 146 12.17 6.30 -12.63
C GLU C 146 12.94 5.02 -12.92
N LYS C 147 12.50 3.92 -12.32
CA LYS C 147 13.11 2.61 -12.52
C LYS C 147 12.31 1.85 -13.56
N MET C 148 12.98 1.48 -14.67
CA MET C 148 12.36 0.79 -15.79
C MET C 148 12.74 -0.68 -15.82
N TYR C 149 11.73 -1.56 -15.94
CA TYR C 149 11.99 -3.00 -15.94
C TYR C 149 10.92 -3.71 -16.75
N VAL C 150 11.32 -4.74 -17.48
CA VAL C 150 10.37 -5.54 -18.26
C VAL C 150 9.59 -6.45 -17.33
N ARG C 151 8.31 -6.62 -17.63
CA ARG C 151 7.48 -7.56 -16.86
C ARG C 151 6.47 -8.10 -17.85
N ASP C 152 6.44 -9.43 -18.01
CA ASP C 152 5.45 -10.09 -18.85
C ASP C 152 5.39 -9.49 -20.26
N GLY C 153 6.56 -9.20 -20.82
CA GLY C 153 6.66 -8.81 -22.21
C GLY C 153 6.39 -7.35 -22.49
N VAL C 154 6.07 -6.54 -21.47
CA VAL C 154 5.92 -5.10 -21.62
C VAL C 154 6.85 -4.38 -20.66
N LEU C 155 6.81 -3.06 -20.65
CA LEU C 155 7.78 -2.28 -19.88
C LEU C 155 7.09 -1.59 -18.73
N LYS C 156 7.61 -1.79 -17.52
CA LYS C 156 7.10 -1.09 -16.33
C LYS C 156 8.04 0.03 -15.97
N GLY C 157 7.47 1.08 -15.43
CA GLY C 157 8.29 2.08 -14.81
C GLY C 157 7.70 2.53 -13.49
N ASP C 158 8.48 2.50 -12.42
CA ASP C 158 8.02 2.93 -11.11
C ASP C 158 8.86 4.09 -10.62
N VAL C 159 8.22 5.12 -10.05
CA VAL C 159 9.01 6.25 -9.58
C VAL C 159 8.43 6.82 -8.29
N ASN C 160 9.32 7.07 -7.33
CA ASN C 160 8.98 7.79 -6.12
C ASN C 160 8.99 9.26 -6.43
N MET C 161 7.83 9.91 -6.33
CA MET C 161 7.66 11.31 -6.66
C MET C 161 7.37 12.15 -5.43
N ALA C 162 7.71 13.43 -5.50
CA ALA C 162 7.53 14.29 -4.34
C ALA C 162 7.16 15.67 -4.79
N LEU C 163 6.09 16.20 -4.21
CA LEU C 163 5.71 17.59 -4.46
C LEU C 163 6.31 18.43 -3.35
N LEU C 164 7.08 19.46 -3.74
CA LEU C 164 7.48 20.49 -2.79
C LEU C 164 6.27 21.34 -2.43
N LEU C 165 6.09 21.62 -1.14
CA LEU C 165 4.90 22.31 -0.65
C LEU C 165 5.19 23.76 -0.33
N GLU C 166 4.17 24.60 -0.48
CA GLU C 166 4.30 25.96 0.03
C GLU C 166 4.60 25.92 1.52
N GLY C 167 5.49 26.78 1.95
CA GLY C 167 5.82 26.72 3.36
C GLY C 167 6.63 25.51 3.77
N GLY C 168 6.98 24.66 2.81
CA GLY C 168 8.11 23.79 3.03
C GLY C 168 7.72 22.35 3.25
N GLY C 169 8.68 21.48 3.07
CA GLY C 169 8.42 20.07 3.17
C GLY C 169 7.83 19.53 1.88
N HIS C 170 7.60 18.23 1.90
CA HIS C 170 7.25 17.49 0.70
C HIS C 170 6.03 16.62 0.97
N TYR C 171 5.34 16.32 -0.13
CA TYR C 171 4.19 15.44 -0.14
C TYR C 171 4.45 14.37 -1.19
N ARG C 172 4.45 13.10 -0.77
CA ARG C 172 4.96 11.99 -1.57
C ARG C 172 3.86 11.27 -2.33
N CYS C 173 4.21 10.77 -3.52
CA CYS C 173 3.31 9.99 -4.36
C CYS C 173 4.14 8.87 -4.98
N ASP C 174 3.61 7.65 -4.99
CA ASP C 174 4.26 6.51 -5.67
C ASP C 174 3.59 6.24 -7.02
N PHE C 175 4.37 6.32 -8.10
CA PHE C 175 3.86 6.08 -9.44
C PHE C 175 4.15 4.66 -9.85
N LYS C 176 3.17 3.97 -10.45
CA LYS C 176 3.41 2.69 -11.11
C LYS C 176 2.83 2.79 -12.51
N THR C 177 3.68 2.67 -13.54
CA THR C 177 3.23 2.79 -14.92
C THR C 177 3.55 1.52 -15.70
N THR C 178 2.64 1.13 -16.59
CA THR C 178 2.94 0.07 -17.55
C THR C 178 2.82 0.68 -18.94
N TYR C 179 3.87 0.52 -19.75
CA TYR C 179 3.94 1.01 -21.11
C TYR C 179 3.78 -0.15 -22.08
N LYS C 180 2.82 -0.05 -23.01
CA LYS C 180 2.44 -1.21 -23.82
C LYS C 180 2.51 -0.87 -25.30
N ALA C 181 3.56 -1.36 -25.95
CA ALA C 181 3.75 -1.20 -27.39
C ALA C 181 2.66 -1.93 -28.17
N LYS C 182 2.31 -1.38 -29.33
CA LYS C 182 1.35 -2.06 -30.19
C LYS C 182 2.01 -2.93 -31.25
N LYS C 183 3.32 -3.09 -31.22
CA LYS C 183 3.98 -4.09 -32.03
C LYS C 183 5.17 -4.64 -31.27
N ASP C 184 5.72 -5.73 -31.79
CA ASP C 184 6.91 -6.29 -31.18
C ASP C 184 8.08 -5.34 -31.31
N VAL C 185 8.77 -5.09 -30.19
CA VAL C 185 9.95 -4.25 -30.16
C VAL C 185 11.01 -4.94 -29.32
N ARG C 186 12.27 -4.55 -29.54
CA ARG C 186 13.34 -5.11 -28.74
C ARG C 186 13.22 -4.57 -27.32
N LEU C 187 13.25 -5.45 -26.32
CA LEU C 187 13.01 -5.04 -24.94
C LEU C 187 14.31 -4.62 -24.25
N PRO C 188 14.27 -3.57 -23.42
CA PRO C 188 15.47 -3.11 -22.72
C PRO C 188 15.79 -3.92 -21.48
N ASP C 189 17.09 -3.87 -21.09
CA ASP C 189 17.51 -4.26 -19.77
C ASP C 189 17.00 -3.26 -18.74
N TYR C 190 17.11 -3.64 -17.46
CA TYR C 190 16.78 -2.74 -16.36
C TYR C 190 17.56 -1.45 -16.47
N HIS C 191 16.87 -0.33 -16.34
CA HIS C 191 17.56 0.95 -16.48
C HIS C 191 16.76 2.04 -15.78
N PHE C 192 17.25 3.26 -15.90
CA PHE C 192 16.68 4.39 -15.17
C PHE C 192 16.32 5.48 -16.15
N VAL C 193 15.29 6.27 -15.82
CA VAL C 193 15.03 7.51 -16.56
C VAL C 193 15.02 8.64 -15.55
N ASP C 194 15.95 9.58 -15.72
CA ASP C 194 15.93 10.77 -14.89
C ASP C 194 15.02 11.81 -15.54
N HIS C 195 14.22 12.49 -14.71
CA HIS C 195 13.23 13.46 -15.17
C HIS C 195 13.40 14.79 -14.47
N ARG C 196 13.04 15.86 -15.17
CA ARG C 196 12.69 17.11 -14.49
C ARG C 196 11.52 17.73 -15.23
N ILE C 197 10.36 17.78 -14.58
CA ILE C 197 9.17 18.40 -15.17
C ILE C 197 8.91 19.74 -14.50
N GLU C 198 8.58 20.76 -15.29
CA GLU C 198 8.45 22.12 -14.73
C GLU C 198 7.30 22.85 -15.40
N ILE C 199 6.47 23.52 -14.61
CA ILE C 199 5.57 24.51 -15.16
C ILE C 199 6.37 25.79 -15.41
N LEU C 200 6.41 26.24 -16.66
CA LEU C 200 7.17 27.46 -17.00
C LEU C 200 6.34 28.73 -16.85
N LYS C 201 5.03 28.62 -17.00
CA LYS C 201 4.17 29.79 -16.92
C LYS C 201 2.76 29.29 -16.66
N HIS C 202 2.01 30.04 -15.86
CA HIS C 202 0.58 29.76 -15.69
C HIS C 202 -0.14 31.05 -15.37
N ASP C 203 -1.45 31.10 -15.71
CA ASP C 203 -2.24 32.21 -15.23
C ASP C 203 -2.85 31.89 -13.86
N LYS C 204 -3.68 32.81 -13.36
CA LYS C 204 -3.99 32.82 -11.93
C LYS C 204 -4.60 31.49 -11.47
N ASP C 205 -5.53 30.94 -12.26
CA ASP C 205 -6.24 29.72 -11.97
C ASP C 205 -5.77 28.52 -12.77
N TYR C 206 -4.61 28.62 -13.44
CA TYR C 206 -4.03 27.52 -14.22
C TYR C 206 -4.93 27.11 -15.39
N ASN C 207 -5.78 28.04 -15.85
CA ASN C 207 -6.52 27.77 -17.07
C ASN C 207 -5.60 27.65 -18.27
N LYS C 208 -4.47 28.35 -18.22
CA LYS C 208 -3.49 28.35 -19.29
C LYS C 208 -2.13 28.04 -18.68
N VAL C 209 -1.53 26.93 -19.07
CA VAL C 209 -0.28 26.47 -18.47
C VAL C 209 0.72 26.14 -19.57
N LYS C 210 1.97 26.54 -19.37
CA LYS C 210 3.09 26.16 -20.24
C LYS C 210 3.98 25.21 -19.46
N LEU C 211 4.23 24.03 -20.04
CA LEU C 211 4.81 22.89 -19.33
C LEU C 211 5.98 22.29 -20.07
N TYR C 212 7.09 22.02 -19.34
CA TYR C 212 8.34 21.51 -19.91
C TYR C 212 8.79 20.23 -19.22
N GLU C 213 9.29 19.27 -20.00
CA GLU C 213 9.93 18.09 -19.40
C GLU C 213 11.25 17.80 -20.08
N ASN C 214 12.23 17.41 -19.26
CA ASN C 214 13.50 16.87 -19.71
C ASN C 214 13.63 15.47 -19.13
N ALA C 215 13.93 14.49 -19.98
CA ALA C 215 14.07 13.10 -19.53
C ALA C 215 15.22 12.43 -20.27
N VAL C 216 16.06 11.74 -19.52
CA VAL C 216 17.28 11.12 -20.05
C VAL C 216 17.41 9.73 -19.43
N ALA C 217 17.58 8.72 -20.27
CA ALA C 217 17.74 7.35 -19.79
C ALA C 217 19.21 7.03 -19.56
N ARG C 218 19.46 6.14 -18.61
CA ARG C 218 20.83 5.73 -18.30
C ARG C 218 20.84 4.41 -17.55
N TYR C 219 22.02 3.79 -17.49
CA TYR C 219 22.29 2.77 -16.50
C TYR C 219 22.79 3.44 -15.24
N SER C 220 23.12 2.65 -14.22
CA SER C 220 23.74 3.22 -13.05
C SER C 220 25.07 3.83 -13.42
N MET C 221 25.40 4.93 -12.77
CA MET C 221 26.70 5.55 -12.94
C MET C 221 27.80 4.84 -12.14
N LEU C 222 27.43 3.96 -11.24
CA LEU C 222 28.39 3.28 -10.37
C LEU C 222 28.85 1.97 -11.00
N PRO C 223 30.15 1.71 -11.04
CA PRO C 223 30.62 0.46 -11.65
C PRO C 223 30.30 -0.72 -10.76
N SER C 224 30.34 -1.91 -11.34
CA SER C 224 30.25 -3.14 -10.55
C SER C 224 31.64 -3.57 -10.13
N GLN C 225 31.76 -4.07 -8.91
CA GLN C 225 33.04 -4.56 -8.39
C GLN C 225 33.42 -5.91 -8.97
N ALA C 226 34.68 -6.04 -9.39
CA ALA C 226 35.17 -7.34 -9.90
C ALA C 226 35.21 -8.36 -8.78
N LYS C 227 34.87 -9.60 -9.11
CA LYS C 227 34.87 -10.62 -8.07
C LYS C 227 36.21 -11.33 -7.90
N MET D 4 -42.04 8.20 9.25
CA MET D 4 -42.52 9.36 8.48
C MET D 4 -42.38 9.22 6.97
N VAL D 5 -43.10 10.09 6.23
CA VAL D 5 -43.11 9.97 4.79
C VAL D 5 -41.72 10.34 4.26
N SER D 6 -41.24 9.53 3.33
CA SER D 6 -39.91 9.72 2.80
C SER D 6 -40.00 9.75 1.28
N VAL D 7 -39.11 10.52 0.65
CA VAL D 7 -39.00 10.44 -0.80
C VAL D 7 -38.42 9.09 -1.22
N ILE D 8 -37.75 8.37 -0.34
CA ILE D 8 -37.27 7.03 -0.65
C ILE D 8 -38.40 6.05 -0.35
N LYS D 9 -39.01 5.55 -1.41
CA LYS D 9 -40.19 4.71 -1.33
C LYS D 9 -39.80 3.26 -1.04
N PRO D 10 -40.76 2.44 -0.58
CA PRO D 10 -40.42 1.04 -0.27
C PRO D 10 -39.88 0.28 -1.46
N GLU D 11 -40.31 0.59 -2.67
CA GLU D 11 -39.66 0.11 -3.90
C GLU D 11 -39.17 1.31 -4.69
N MET D 12 -37.93 1.23 -5.18
CA MET D 12 -37.33 2.26 -6.03
C MET D 12 -36.72 1.60 -7.24
N LYS D 13 -36.93 2.22 -8.39
CA LYS D 13 -36.26 1.78 -9.60
C LYS D 13 -34.86 2.37 -9.69
N ILE D 14 -34.07 1.83 -10.63
CA ILE D 14 -32.67 2.21 -10.86
C ILE D 14 -32.44 2.31 -12.35
N LYS D 15 -31.77 3.39 -12.80
CA LYS D 15 -31.24 3.48 -14.16
C LYS D 15 -29.81 3.94 -14.03
N LEU D 16 -28.88 3.32 -14.78
CA LEU D 16 -27.50 3.75 -14.66
C LEU D 16 -26.78 3.68 -16.00
N CYS D 17 -25.68 4.43 -16.09
CA CYS D 17 -24.75 4.30 -17.21
C CYS D 17 -23.34 4.35 -16.65
N MET D 18 -22.56 3.28 -16.95
CA MET D 18 -21.14 3.22 -16.66
C MET D 18 -20.31 3.44 -17.90
N ARG D 19 -19.36 4.37 -17.81
CA ARG D 19 -18.35 4.56 -18.86
C ARG D 19 -17.01 4.15 -18.26
N GLY D 20 -16.27 3.30 -18.97
CA GLY D 20 -15.05 2.83 -18.32
C GLY D 20 -13.89 2.51 -19.27
N THR D 21 -12.74 2.31 -18.67
CA THR D 21 -11.54 1.85 -19.39
C THR D 21 -10.82 0.91 -18.45
N VAL D 22 -10.53 -0.33 -18.90
CA VAL D 22 -9.74 -1.28 -18.11
C VAL D 22 -8.67 -1.85 -19.02
N ASN D 23 -7.40 -1.79 -18.60
CA ASN D 23 -6.32 -2.38 -19.42
C ASN D 23 -6.31 -1.70 -20.80
N GLY D 24 -6.71 -0.44 -20.87
CA GLY D 24 -6.78 0.25 -22.16
C GLY D 24 -8.02 -0.02 -22.97
N HIS D 25 -8.94 -0.86 -22.49
CA HIS D 25 -10.13 -1.25 -23.26
C HIS D 25 -11.31 -0.40 -22.82
N ASN D 26 -11.86 0.37 -23.76
CA ASN D 26 -12.97 1.23 -23.41
C ASN D 26 -14.29 0.47 -23.53
N PHE D 27 -15.26 0.85 -22.68
CA PHE D 27 -16.56 0.19 -22.73
C PHE D 27 -17.64 1.10 -22.13
N VAL D 28 -18.89 0.74 -22.44
CA VAL D 28 -20.05 1.38 -21.83
C VAL D 28 -21.06 0.30 -21.47
N ILE D 29 -21.67 0.43 -20.29
CA ILE D 29 -22.68 -0.50 -19.80
C ILE D 29 -23.89 0.29 -19.35
N GLU D 30 -25.08 -0.14 -19.74
CA GLU D 30 -26.33 0.46 -19.27
C GLU D 30 -27.00 -0.51 -18.32
N GLY D 31 -27.66 0.01 -17.28
CA GLY D 31 -28.35 -0.88 -16.37
C GLY D 31 -29.70 -0.32 -15.99
N GLU D 32 -30.61 -1.24 -15.67
CA GLU D 32 -31.95 -0.90 -15.22
C GLU D 32 -32.34 -1.93 -14.17
N GLY D 33 -33.03 -1.52 -13.13
CA GLY D 33 -33.44 -2.50 -12.16
C GLY D 33 -34.34 -1.88 -11.10
N LYS D 34 -34.43 -2.56 -9.96
CA LYS D 34 -35.26 -2.05 -8.89
C LYS D 34 -34.87 -2.75 -7.60
N GLY D 35 -35.24 -2.16 -6.49
CA GLY D 35 -34.91 -2.75 -5.20
C GLY D 35 -35.79 -2.19 -4.11
N ASN D 36 -35.50 -2.65 -2.91
CA ASN D 36 -36.28 -2.31 -1.72
C ASN D 36 -35.34 -1.68 -0.73
N PRO D 37 -35.25 -0.35 -0.71
CA PRO D 37 -34.15 0.30 0.04
C PRO D 37 -34.16 -0.01 1.50
N TYR D 38 -35.34 -0.18 2.11
CA TYR D 38 -35.41 -0.44 3.54
C TYR D 38 -35.15 -1.89 3.88
N GLU D 39 -35.19 -2.79 2.90
CA GLU D 39 -34.82 -4.18 3.09
C GLU D 39 -33.37 -4.45 2.69
N GLY D 40 -32.72 -3.48 2.03
CA GLY D 40 -31.33 -3.66 1.66
C GLY D 40 -31.11 -4.60 0.50
N THR D 41 -32.11 -4.75 -0.39
CA THR D 41 -31.97 -5.70 -1.49
C THR D 41 -32.26 -5.01 -2.80
N GLN D 42 -31.74 -5.59 -3.90
CA GLN D 42 -31.96 -4.92 -5.18
C GLN D 42 -31.51 -5.89 -6.27
N ILE D 43 -32.07 -5.72 -7.48
CA ILE D 43 -31.65 -6.49 -8.66
C ILE D 43 -31.40 -5.52 -9.79
N LEU D 44 -30.35 -5.74 -10.55
CA LEU D 44 -30.05 -4.92 -11.74
C LEU D 44 -29.89 -5.81 -12.95
N ASP D 45 -30.37 -5.35 -14.10
CA ASP D 45 -30.08 -5.99 -15.39
C ASP D 45 -29.12 -5.07 -16.13
N LEU D 46 -27.96 -5.61 -16.50
CA LEU D 46 -26.85 -4.83 -17.07
C LEU D 46 -26.53 -5.32 -18.47
N ASN D 47 -26.30 -4.38 -19.37
N ASN D 47 -26.25 -4.37 -19.36
CA ASN D 47 -26.05 -4.69 -20.77
CA ASN D 47 -26.08 -4.69 -20.77
C ASN D 47 -24.83 -3.93 -21.26
C ASN D 47 -24.85 -3.94 -21.27
N VAL D 48 -23.87 -4.64 -21.83
CA VAL D 48 -22.68 -4.01 -22.39
C VAL D 48 -23.03 -3.45 -23.75
N THR D 49 -23.05 -2.11 -23.88
CA THR D 49 -23.49 -1.53 -25.13
C THR D 49 -22.36 -1.03 -26.01
N GLU D 50 -21.14 -0.87 -25.46
CA GLU D 50 -19.96 -0.51 -26.24
C GLU D 50 -18.80 -1.27 -25.66
N GLY D 51 -17.92 -1.78 -26.54
CA GLY D 51 -16.76 -2.54 -26.07
C GLY D 51 -17.02 -4.00 -25.78
N ALA D 52 -18.14 -4.55 -26.24
CA ALA D 52 -18.39 -5.96 -26.02
C ALA D 52 -17.59 -6.79 -27.03
N PRO D 53 -17.13 -7.97 -26.62
CA PRO D 53 -17.21 -8.54 -25.27
C PRO D 53 -16.10 -8.01 -24.42
N LEU D 54 -16.34 -7.86 -23.12
CA LEU D 54 -15.29 -7.35 -22.27
C LEU D 54 -14.17 -8.38 -22.14
N PRO D 55 -12.91 -7.95 -22.17
CA PRO D 55 -11.77 -8.87 -22.09
C PRO D 55 -11.28 -9.13 -20.67
N PHE D 56 -12.06 -8.78 -19.66
CA PHE D 56 -11.62 -8.88 -18.26
C PHE D 56 -12.78 -9.40 -17.44
N ALA D 57 -12.46 -9.86 -16.22
CA ALA D 57 -13.46 -10.40 -15.28
C ALA D 57 -14.55 -9.40 -14.93
N TYR D 58 -15.80 -9.75 -15.22
CA TYR D 58 -16.91 -8.85 -14.95
C TYR D 58 -17.00 -8.51 -13.48
N ASP D 59 -16.57 -9.42 -12.61
CA ASP D 59 -16.71 -9.19 -11.16
C ASP D 59 -16.04 -7.90 -10.71
N ILE D 60 -14.98 -7.42 -11.42
CA ILE D 60 -14.34 -6.21 -10.93
C ILE D 60 -15.30 -5.02 -11.00
N LEU D 61 -16.39 -5.12 -11.79
CA LEU D 61 -17.33 -4.01 -11.96
C LEU D 61 -18.49 -4.02 -10.99
N THR D 62 -18.79 -5.17 -10.36
CA THR D 62 -20.14 -5.33 -9.85
C THR D 62 -20.43 -4.47 -8.62
N THR D 63 -19.44 -4.24 -7.74
CA THR D 63 -19.71 -3.41 -6.59
C THR D 63 -19.81 -1.94 -6.97
N VAL D 64 -19.45 -1.60 -8.20
CA VAL D 64 -19.64 -0.22 -8.66
C VAL D 64 -21.06 -0.02 -9.19
N PHE D 65 -21.69 -1.08 -9.71
CA PHE D 65 -23.15 -1.01 -10.01
C PHE D 65 -23.98 -1.04 -8.71
C3 QYG D 66 -23.89 1.89 -5.49
O3 QYG D 66 -23.80 2.99 -6.02
CA3 QYG D 66 -22.88 0.84 -5.95
N3 QYG D 66 -22.71 -0.32 -5.08
C1 QYG D 66 -23.19 -1.61 -5.28
CA1 QYG D 66 -24.14 -1.95 -6.40
CB1 QYG D 66 -24.77 -3.38 -6.24
CG1 QYG D 66 -25.79 -3.56 -7.36
CD3 QYG D 66 -26.45 -4.92 -7.38
N1 QYG D 66 -23.42 -1.81 -7.66
C2 QYG D 66 -21.89 -0.32 -3.97
O2 QYG D 66 -21.36 0.70 -3.53
CA2 QYG D 66 -21.76 -1.75 -3.62
N2 QYG D 66 -22.62 -2.49 -4.45
CB2 QYG D 66 -20.87 -2.17 -2.68
CG2 QYG D 66 -20.51 -3.49 -2.17
CD2 QYG D 66 -21.12 -4.68 -2.57
CE2 QYG D 66 -20.74 -5.89 -2.03
CZ QYG D 66 -19.70 -5.92 -1.12
OH QYG D 66 -19.30 -7.12 -0.57
CE1 QYG D 66 -19.06 -4.75 -0.71
CD1 QYG D 66 -19.46 -3.55 -1.24
NE1 QYG D 66 -27.72 -4.99 -7.78
OE1 QYG D 66 -25.85 -5.91 -6.99
N ASN D 67 -24.81 1.51 -4.48
CA ASN D 67 -25.68 2.57 -3.98
C ASN D 67 -26.13 2.18 -2.60
N ARG D 68 -25.47 2.74 -1.60
CA ARG D 68 -25.80 2.35 -0.24
C ARG D 68 -27.16 2.85 0.24
N ALA D 69 -27.95 3.56 -0.58
CA ALA D 69 -29.35 3.73 -0.21
C ALA D 69 -30.04 2.38 -0.07
N PHE D 70 -29.56 1.35 -0.78
CA PHE D 70 -30.09 -0.01 -0.64
C PHE D 70 -29.33 -0.75 0.46
N THR D 71 -29.59 -0.32 1.69
CA THR D 71 -29.03 -0.93 2.88
C THR D 71 -30.10 -0.91 3.94
N LYS D 72 -30.29 -2.05 4.61
CA LYS D 72 -31.20 -2.09 5.76
C LYS D 72 -30.51 -1.46 6.94
N TYR D 73 -30.97 -0.27 7.36
CA TYR D 73 -30.40 0.40 8.51
C TYR D 73 -31.30 0.23 9.73
N PRO D 74 -30.81 -0.32 10.81
CA PRO D 74 -31.58 -0.30 12.05
C PRO D 74 -31.83 1.12 12.56
N ALA D 75 -32.91 1.26 13.33
CA ALA D 75 -33.30 2.60 13.73
C ALA D 75 -32.24 3.31 14.56
N ASP D 76 -31.34 2.58 15.24
CA ASP D 76 -30.35 3.24 16.09
C ASP D 76 -29.02 3.51 15.40
N ILE D 77 -28.94 3.43 14.06
CA ILE D 77 -27.77 3.91 13.32
C ILE D 77 -28.26 4.96 12.33
N GLN D 78 -27.66 6.15 12.35
CA GLN D 78 -28.06 7.15 11.37
C GLN D 78 -27.81 6.60 9.98
N ASP D 79 -28.79 6.79 9.08
CA ASP D 79 -28.70 6.32 7.68
C ASP D 79 -28.23 7.50 6.84
N TYR D 80 -26.92 7.57 6.60
CA TYR D 80 -26.35 8.69 5.87
C TYR D 80 -26.96 8.80 4.49
N PHE D 81 -27.30 7.65 3.91
CA PHE D 81 -27.61 7.59 2.50
C PHE D 81 -29.04 7.97 2.23
N LYS D 82 -29.97 7.43 3.02
CA LYS D 82 -31.36 7.79 2.72
C LYS D 82 -31.62 9.26 3.04
N GLN D 83 -30.94 9.80 4.04
CA GLN D 83 -31.15 11.21 4.40
C GLN D 83 -30.78 12.16 3.29
N THR D 84 -29.89 11.73 2.38
CA THR D 84 -29.36 12.72 1.48
C THR D 84 -30.30 12.97 0.30
N PHE D 85 -31.40 12.27 0.19
CA PHE D 85 -32.27 12.47 -0.97
C PHE D 85 -33.36 13.46 -0.63
N PRO D 86 -33.94 14.08 -1.65
CA PRO D 86 -33.81 13.83 -3.08
C PRO D 86 -32.52 14.36 -3.69
N GLU D 87 -31.79 15.23 -3.01
CA GLU D 87 -30.66 15.89 -3.66
C GLU D 87 -29.63 14.89 -4.12
N GLY D 88 -29.40 13.85 -3.30
CA GLY D 88 -28.49 12.77 -3.69
C GLY D 88 -27.10 12.94 -3.12
N TYR D 89 -26.17 12.19 -3.71
CA TYR D 89 -24.79 12.13 -3.21
C TYR D 89 -23.91 11.61 -4.33
N HIS D 90 -22.60 11.73 -4.17
CA HIS D 90 -21.69 11.00 -5.04
C HIS D 90 -20.71 10.24 -4.17
N TRP D 91 -20.08 9.22 -4.76
CA TRP D 91 -19.07 8.51 -3.99
C TRP D 91 -17.87 8.27 -4.88
N GLU D 92 -16.73 8.06 -4.21
CA GLU D 92 -15.43 7.87 -4.84
C GLU D 92 -14.80 6.63 -4.25
N ARG D 93 -14.14 5.82 -5.09
CA ARG D 93 -13.62 4.59 -4.54
C ARG D 93 -12.29 4.24 -5.17
N SER D 94 -11.36 3.73 -4.38
CA SER D 94 -10.17 3.05 -4.91
C SER D 94 -10.26 1.59 -4.55
N MET D 95 -9.83 0.75 -5.49
CA MET D 95 -9.89 -0.69 -5.31
C MET D 95 -8.49 -1.21 -5.62
N THR D 96 -7.71 -1.56 -4.59
CA THR D 96 -6.30 -1.92 -4.76
C THR D 96 -6.14 -3.44 -4.63
N TYR D 97 -5.80 -4.09 -5.74
CA TYR D 97 -5.70 -5.54 -5.75
C TYR D 97 -4.31 -5.96 -5.32
N GLU D 98 -4.21 -7.24 -4.87
CA GLU D 98 -2.95 -7.66 -4.25
C GLU D 98 -1.83 -7.86 -5.27
N ASP D 99 -2.13 -7.88 -6.56
CA ASP D 99 -1.09 -7.93 -7.59
C ASP D 99 -0.89 -6.56 -8.24
N GLN D 100 -1.34 -5.51 -7.54
CA GLN D 100 -1.17 -4.07 -7.82
C GLN D 100 -1.96 -3.63 -9.06
N GLY D 101 -2.88 -4.44 -9.57
CA GLY D 101 -3.94 -3.85 -10.36
C GLY D 101 -4.73 -2.88 -9.48
N ILE D 102 -5.07 -1.71 -10.04
CA ILE D 102 -5.80 -0.67 -9.29
C ILE D 102 -6.98 -0.21 -10.10
N CYS D 103 -8.15 -0.13 -9.47
CA CYS D 103 -9.29 0.48 -10.11
C CYS D 103 -9.73 1.69 -9.30
N THR D 104 -10.26 2.68 -10.00
CA THR D 104 -10.95 3.79 -9.36
C THR D 104 -12.35 3.91 -9.93
N ALA D 105 -13.26 4.47 -9.13
CA ALA D 105 -14.58 4.73 -9.66
C ALA D 105 -15.15 5.95 -8.98
N THR D 106 -15.98 6.68 -9.72
CA THR D 106 -16.76 7.79 -9.18
C THR D 106 -18.20 7.60 -9.65
N SER D 107 -19.16 7.75 -8.76
CA SER D 107 -20.56 7.57 -9.16
C SER D 107 -21.35 8.73 -8.59
N ASN D 108 -22.14 9.38 -9.46
CA ASN D 108 -23.02 10.45 -9.01
C ASN D 108 -24.45 9.90 -8.99
N ILE D 109 -25.11 9.97 -7.84
CA ILE D 109 -26.42 9.35 -7.66
C ILE D 109 -27.46 10.42 -7.46
N SER D 110 -28.43 10.44 -8.36
CA SER D 110 -29.54 11.40 -8.31
C SER D 110 -30.85 10.64 -8.28
N MET D 111 -31.98 11.37 -8.22
CA MET D 111 -33.28 10.75 -8.09
C MET D 111 -34.28 11.64 -8.81
N ARG D 112 -35.21 11.00 -9.53
CA ARG D 112 -36.39 11.72 -10.01
C ARG D 112 -37.56 10.78 -9.80
N GLY D 113 -38.60 11.24 -9.10
CA GLY D 113 -39.74 10.37 -8.91
C GLY D 113 -39.35 9.13 -8.10
N ASP D 114 -39.75 7.95 -8.56
CA ASP D 114 -39.40 6.73 -7.85
C ASP D 114 -38.17 6.05 -8.43
N CYS D 115 -37.25 6.79 -9.03
CA CYS D 115 -36.12 6.16 -9.69
C CYS D 115 -34.81 6.83 -9.32
N PHE D 116 -33.80 6.02 -8.99
CA PHE D 116 -32.43 6.52 -8.86
C PHE D 116 -31.74 6.50 -10.21
N PHE D 117 -30.85 7.46 -10.43
CA PHE D 117 -30.02 7.52 -11.64
C PHE D 117 -28.55 7.59 -11.27
N TYR D 118 -27.71 6.70 -11.85
CA TYR D 118 -26.30 6.72 -11.47
C TYR D 118 -25.53 7.11 -12.74
N ASP D 119 -24.57 8.01 -12.61
CA ASP D 119 -23.63 8.36 -13.67
C ASP D 119 -22.26 7.93 -13.16
N ILE D 120 -21.71 6.88 -13.76
CA ILE D 120 -20.56 6.15 -13.23
C ILE D 120 -19.35 6.25 -14.17
N ARG D 121 -18.17 6.52 -13.61
CA ARG D 121 -16.90 6.37 -14.31
C ARG D 121 -16.10 5.27 -13.63
N PHE D 122 -15.52 4.35 -14.42
CA PHE D 122 -14.74 3.23 -13.91
C PHE D 122 -13.42 3.15 -14.65
N ASP D 123 -12.31 3.02 -13.93
CA ASP D 123 -11.00 2.83 -14.56
C ASP D 123 -10.19 1.77 -13.87
N GLY D 124 -9.54 0.93 -14.66
CA GLY D 124 -8.64 -0.07 -14.10
C GLY D 124 -7.32 -0.04 -14.84
N VAL D 125 -6.21 -0.09 -14.07
CA VAL D 125 -4.86 0.00 -14.62
C VAL D 125 -3.97 -1.07 -14.04
N ASN D 126 -2.99 -1.51 -14.86
CA ASN D 126 -1.85 -2.34 -14.42
C ASN D 126 -2.26 -3.74 -13.98
N PHE D 127 -3.35 -4.30 -14.53
CA PHE D 127 -3.66 -5.70 -14.22
C PHE D 127 -2.70 -6.62 -14.98
N PRO D 128 -2.05 -7.56 -14.30
CA PRO D 128 -1.13 -8.44 -15.01
C PRO D 128 -1.85 -9.25 -16.06
N PRO D 129 -1.21 -9.47 -17.22
CA PRO D 129 -1.91 -10.11 -18.33
C PRO D 129 -2.30 -11.54 -18.07
N ASN D 130 -1.55 -12.25 -17.23
CA ASN D 130 -1.89 -13.63 -16.90
C ASN D 130 -2.57 -13.76 -15.56
N GLY D 131 -2.96 -12.63 -14.94
CA GLY D 131 -3.63 -12.66 -13.66
C GLY D 131 -5.08 -13.00 -13.82
N PRO D 132 -5.78 -13.12 -12.70
CA PRO D 132 -7.16 -13.66 -12.76
C PRO D 132 -8.15 -12.70 -13.33
N VAL D 133 -7.85 -11.40 -13.31
CA VAL D 133 -8.78 -10.46 -13.93
C VAL D 133 -8.71 -10.54 -15.44
N MET D 134 -7.51 -10.43 -16.02
CA MET D 134 -7.42 -10.48 -17.46
C MET D 134 -7.60 -11.90 -18.02
N GLN D 135 -7.44 -12.93 -17.19
CA GLN D 135 -7.73 -14.28 -17.65
C GLN D 135 -9.15 -14.74 -17.33
N LYS D 136 -9.97 -13.88 -16.71
CA LYS D 136 -11.37 -14.20 -16.40
C LYS D 136 -11.48 -15.49 -15.61
N LYS D 137 -10.72 -15.53 -14.49
CA LYS D 137 -10.63 -16.70 -13.62
C LYS D 137 -11.36 -16.47 -12.30
N THR D 138 -12.19 -15.43 -12.19
CA THR D 138 -12.89 -15.21 -10.93
C THR D 138 -14.26 -15.87 -10.98
N LEU D 139 -14.73 -16.28 -9.80
CA LEU D 139 -16.04 -16.88 -9.70
C LEU D 139 -17.08 -15.99 -9.05
N LYS D 140 -16.71 -15.26 -7.99
CA LYS D 140 -17.60 -14.38 -7.26
C LYS D 140 -16.79 -13.61 -6.25
N TRP D 141 -17.37 -12.52 -5.74
CA TRP D 141 -16.89 -11.97 -4.47
C TRP D 141 -17.43 -12.79 -3.32
N GLU D 142 -16.64 -12.93 -2.26
CA GLU D 142 -17.21 -13.43 -1.02
C GLU D 142 -18.12 -12.39 -0.39
N PRO D 143 -19.04 -12.81 0.47
CA PRO D 143 -19.72 -11.82 1.30
C PRO D 143 -18.70 -11.10 2.16
N SER D 144 -19.04 -9.89 2.57
CA SER D 144 -18.05 -9.02 3.18
C SER D 144 -18.64 -8.23 4.35
N THR D 145 -17.77 -7.59 5.12
CA THR D 145 -18.19 -6.63 6.16
C THR D 145 -17.39 -5.34 5.96
N GLU D 146 -18.10 -4.25 5.63
CA GLU D 146 -17.50 -2.96 5.37
C GLU D 146 -17.54 -2.14 6.66
N LYS D 147 -16.43 -1.43 6.94
CA LYS D 147 -16.33 -0.59 8.13
C LYS D 147 -16.61 0.86 7.77
N MET D 148 -17.63 1.44 8.42
CA MET D 148 -18.08 2.79 8.13
C MET D 148 -17.67 3.73 9.24
N TYR D 149 -17.05 4.86 8.87
CA TYR D 149 -16.59 5.82 9.86
C TYR D 149 -16.60 7.22 9.25
N VAL D 150 -16.94 8.18 10.08
CA VAL D 150 -16.98 9.57 9.62
C VAL D 150 -15.57 10.14 9.57
N ARG D 151 -15.34 10.99 8.55
CA ARG D 151 -14.10 11.77 8.54
C ARG D 151 -14.35 13.08 7.79
N ASP D 152 -13.92 14.21 8.36
CA ASP D 152 -14.10 15.51 7.68
C ASP D 152 -15.54 15.73 7.21
N GLY D 153 -16.49 15.31 8.04
CA GLY D 153 -17.88 15.60 7.78
C GLY D 153 -18.54 14.77 6.71
N VAL D 154 -17.83 13.78 6.14
CA VAL D 154 -18.40 12.84 5.18
C VAL D 154 -18.19 11.43 5.71
N LEU D 155 -18.67 10.44 4.99
CA LEU D 155 -18.65 9.06 5.49
C LEU D 155 -17.67 8.23 4.67
N LYS D 156 -16.75 7.56 5.33
CA LYS D 156 -15.82 6.63 4.66
C LYS D 156 -16.31 5.20 4.90
N GLY D 157 -16.05 4.34 3.92
CA GLY D 157 -16.27 2.93 4.15
C GLY D 157 -15.12 2.16 3.56
N ASP D 158 -14.52 1.29 4.36
CA ASP D 158 -13.40 0.49 3.89
C ASP D 158 -13.74 -0.99 4.03
N VAL D 159 -13.38 -1.79 3.03
CA VAL D 159 -13.73 -3.21 3.12
C VAL D 159 -12.64 -4.07 2.49
N ASN D 160 -12.31 -5.13 3.20
CA ASN D 160 -11.39 -6.16 2.68
C ASN D 160 -12.21 -7.12 1.85
N MET D 161 -11.97 -7.12 0.53
CA MET D 161 -12.76 -7.92 -0.41
C MET D 161 -11.93 -9.08 -0.94
N ALA D 162 -12.63 -10.15 -1.31
CA ALA D 162 -11.94 -11.33 -1.85
C ALA D 162 -12.74 -11.94 -2.97
N LEU D 163 -12.07 -12.19 -4.09
CA LEU D 163 -12.65 -12.91 -5.21
C LEU D 163 -12.25 -14.37 -5.09
N LEU D 164 -13.24 -15.26 -5.08
CA LEU D 164 -12.99 -16.70 -5.20
C LEU D 164 -12.52 -16.99 -6.60
N LEU D 165 -11.47 -17.80 -6.76
CA LEU D 165 -10.87 -18.11 -8.05
C LEU D 165 -11.25 -19.50 -8.52
N GLU D 166 -11.36 -19.62 -9.84
CA GLU D 166 -11.45 -20.93 -10.45
C GLU D 166 -10.23 -21.75 -10.09
N GLY D 167 -10.45 -22.98 -9.62
CA GLY D 167 -9.33 -23.81 -9.19
C GLY D 167 -9.01 -23.69 -7.71
N GLY D 168 -9.61 -22.74 -7.01
CA GLY D 168 -9.46 -22.67 -5.57
C GLY D 168 -8.67 -21.44 -5.17
N GLY D 169 -8.91 -20.99 -3.94
CA GLY D 169 -8.16 -19.87 -3.39
C GLY D 169 -8.85 -18.56 -3.71
N HIS D 170 -8.25 -17.50 -3.18
CA HIS D 170 -8.84 -16.17 -3.26
C HIS D 170 -7.83 -15.14 -3.75
N TYR D 171 -8.37 -14.06 -4.31
CA TYR D 171 -7.61 -12.93 -4.85
C TYR D 171 -8.15 -11.70 -4.15
N ARG D 172 -7.31 -11.03 -3.39
CA ARG D 172 -7.75 -9.99 -2.47
C ARG D 172 -7.70 -8.60 -3.09
N CYS D 173 -8.64 -7.76 -2.64
CA CYS D 173 -8.72 -6.35 -3.02
C CYS D 173 -9.10 -5.53 -1.80
N ASP D 174 -8.41 -4.40 -1.59
CA ASP D 174 -8.75 -3.48 -0.53
C ASP D 174 -9.56 -2.31 -1.10
N PHE D 175 -10.78 -2.13 -0.63
CA PHE D 175 -11.63 -1.01 -1.08
C PHE D 175 -11.56 0.13 -0.09
N LYS D 176 -11.42 1.36 -0.60
CA LYS D 176 -11.57 2.57 0.21
C LYS D 176 -12.57 3.46 -0.50
N THR D 177 -13.71 3.75 0.14
CA THR D 177 -14.77 4.57 -0.46
C THR D 177 -15.00 5.79 0.40
N THR D 178 -15.21 6.94 -0.26
CA THR D 178 -15.74 8.11 0.42
C THR D 178 -17.12 8.42 -0.14
N TYR D 179 -18.11 8.52 0.74
CA TYR D 179 -19.48 8.84 0.36
C TYR D 179 -19.77 10.29 0.74
N LYS D 180 -20.30 11.07 -0.20
CA LYS D 180 -20.38 12.52 -0.03
C LYS D 180 -21.79 13.03 -0.32
N ALA D 181 -22.51 13.29 0.74
CA ALA D 181 -23.86 13.85 0.62
C ALA D 181 -23.83 15.25 0.01
N LYS D 182 -24.89 15.56 -0.75
CA LYS D 182 -25.02 16.88 -1.34
C LYS D 182 -25.77 17.84 -0.44
N LYS D 183 -26.28 17.36 0.68
CA LYS D 183 -26.93 18.25 1.66
C LYS D 183 -26.46 17.80 3.05
N ASP D 184 -26.80 18.62 4.04
CA ASP D 184 -26.47 18.28 5.43
C ASP D 184 -27.33 17.13 5.92
N VAL D 185 -26.67 16.12 6.52
CA VAL D 185 -27.38 14.98 7.07
C VAL D 185 -26.77 14.65 8.42
N ARG D 186 -27.56 13.94 9.25
CA ARG D 186 -27.05 13.47 10.54
C ARG D 186 -26.01 12.38 10.33
N LEU D 187 -24.85 12.52 10.99
CA LEU D 187 -23.74 11.61 10.73
C LEU D 187 -23.81 10.43 11.69
N PRO D 188 -23.53 9.23 11.20
CA PRO D 188 -23.58 8.03 12.05
C PRO D 188 -22.32 7.82 12.89
N ASP D 189 -22.51 7.05 13.95
CA ASP D 189 -21.38 6.50 14.69
C ASP D 189 -20.71 5.39 13.87
N TYR D 190 -19.50 5.01 14.29
CA TYR D 190 -18.79 3.90 13.64
C TYR D 190 -19.67 2.66 13.58
N HIS D 191 -19.73 2.02 12.41
CA HIS D 191 -20.60 0.85 12.31
C HIS D 191 -20.15 0.00 11.13
N PHE D 192 -20.93 -1.04 10.85
CA PHE D 192 -20.58 -2.06 9.87
C PHE D 192 -21.70 -2.26 8.88
N VAL D 193 -21.36 -2.54 7.63
CA VAL D 193 -22.37 -2.97 6.67
C VAL D 193 -21.94 -4.33 6.16
N ASP D 194 -22.76 -5.36 6.41
CA ASP D 194 -22.51 -6.70 5.86
C ASP D 194 -23.14 -6.77 4.48
N HIS D 195 -22.42 -7.32 3.52
CA HIS D 195 -22.87 -7.40 2.14
C HIS D 195 -22.81 -8.83 1.63
N ARG D 196 -23.67 -9.16 0.66
CA ARG D 196 -23.45 -10.31 -0.21
C ARG D 196 -23.88 -9.90 -1.61
N ILE D 197 -22.93 -9.75 -2.53
CA ILE D 197 -23.26 -9.41 -3.91
C ILE D 197 -23.11 -10.67 -4.78
N GLU D 198 -24.08 -10.90 -5.66
CA GLU D 198 -24.12 -12.14 -6.46
C GLU D 198 -24.59 -11.87 -7.89
N ILE D 199 -23.89 -12.45 -8.86
CA ILE D 199 -24.42 -12.53 -10.22
C ILE D 199 -25.41 -13.67 -10.26
N LEU D 200 -26.66 -13.35 -10.57
CA LEU D 200 -27.71 -14.36 -10.61
C LEU D 200 -27.77 -15.07 -11.95
N LYS D 201 -27.35 -14.38 -13.02
CA LYS D 201 -27.47 -14.90 -14.38
C LYS D 201 -26.53 -14.11 -15.26
N HIS D 202 -25.92 -14.77 -16.25
CA HIS D 202 -25.13 -14.05 -17.24
C HIS D 202 -25.14 -14.87 -18.51
N ASP D 203 -25.02 -14.20 -19.66
CA ASP D 203 -24.80 -14.94 -20.90
C ASP D 203 -23.30 -15.22 -21.06
N LYS D 204 -22.93 -15.89 -22.16
CA LYS D 204 -21.60 -16.52 -22.22
C LYS D 204 -20.47 -15.51 -22.10
N ASP D 205 -20.66 -14.29 -22.63
CA ASP D 205 -19.64 -13.24 -22.63
C ASP D 205 -19.85 -12.21 -21.55
N TYR D 206 -20.86 -12.37 -20.72
CA TYR D 206 -21.27 -11.36 -19.72
C TYR D 206 -21.74 -10.06 -20.38
N ASN D 207 -22.16 -10.13 -21.63
CA ASN D 207 -22.80 -8.94 -22.23
C ASN D 207 -24.11 -8.61 -21.55
N LYS D 208 -24.80 -9.59 -21.00
CA LYS D 208 -26.04 -9.41 -20.28
C LYS D 208 -25.90 -10.08 -18.92
N VAL D 209 -26.02 -9.31 -17.84
CA VAL D 209 -25.81 -9.80 -16.49
C VAL D 209 -26.96 -9.39 -15.61
N LYS D 210 -27.42 -10.30 -14.76
CA LYS D 210 -28.40 -9.98 -13.74
C LYS D 210 -27.70 -10.06 -12.38
N LEU D 211 -27.81 -8.99 -11.59
CA LEU D 211 -26.93 -8.78 -10.43
C LEU D 211 -27.75 -8.44 -9.20
N TYR D 212 -27.43 -9.07 -8.06
CA TYR D 212 -28.20 -8.90 -6.84
C TYR D 212 -27.29 -8.53 -5.68
N GLU D 213 -27.74 -7.60 -4.83
CA GLU D 213 -27.00 -7.30 -3.60
C GLU D 213 -27.93 -7.31 -2.39
N ASN D 214 -27.45 -7.85 -1.27
CA ASN D 214 -28.11 -7.72 0.02
C ASN D 214 -27.13 -6.99 0.92
N ALA D 215 -27.59 -5.93 1.59
CA ALA D 215 -26.69 -5.21 2.49
C ALA D 215 -27.43 -4.80 3.73
N VAL D 216 -26.84 -5.08 4.89
CA VAL D 216 -27.50 -4.80 6.18
C VAL D 216 -26.50 -4.12 7.12
N ALA D 217 -26.89 -2.98 7.71
CA ALA D 217 -26.01 -2.30 8.65
C ALA D 217 -26.21 -2.81 10.08
N ARG D 218 -25.16 -2.71 10.89
CA ARG D 218 -25.21 -3.14 12.28
C ARG D 218 -24.07 -2.53 13.07
N TYR D 219 -24.24 -2.52 14.41
CA TYR D 219 -23.08 -2.38 15.28
C TYR D 219 -22.49 -3.77 15.53
N SER D 220 -21.40 -3.84 16.29
CA SER D 220 -20.90 -5.16 16.65
C SER D 220 -21.94 -5.93 17.45
N MET D 221 -21.98 -7.24 17.22
CA MET D 221 -22.85 -8.14 17.96
C MET D 221 -22.29 -8.46 19.35
N LEU D 222 -21.08 -8.06 19.63
CA LEU D 222 -20.43 -8.47 20.87
C LEU D 222 -20.61 -7.41 21.95
N PRO D 223 -21.02 -7.79 23.16
CA PRO D 223 -21.21 -6.79 24.21
C PRO D 223 -19.88 -6.18 24.61
N SER D 224 -19.94 -4.99 25.20
CA SER D 224 -18.72 -4.38 25.76
C SER D 224 -18.60 -4.75 27.22
N GLN D 225 -17.37 -5.03 27.64
CA GLN D 225 -17.04 -5.22 29.06
C GLN D 225 -16.67 -3.93 29.77
N ALA D 226 -16.09 -2.96 29.07
CA ALA D 226 -15.62 -1.74 29.71
C ALA D 226 -16.72 -0.70 29.70
#